data_5DW4
#
_entry.id   5DW4
#
_cell.length_a   67.503
_cell.length_b   110.393
_cell.length_c   120.021
_cell.angle_alpha   90.00
_cell.angle_beta   90.00
_cell.angle_gamma   90.00
#
_symmetry.space_group_name_H-M   'P 21 21 21'
#
loop_
_entity.id
_entity.type
_entity.pdbx_description
1 polymer 'Succinyl-CoA:acetate CoA-transferase'
2 non-polymer IMIDAZOLE
3 non-polymer 'ACETATE ION'
4 water water
#
_entity_poly.entity_id   1
_entity_poly.type   'polypeptide(L)'
_entity_poly.pdbx_seq_one_letter_code
;MTERIRNVALRSKV(CSX)PAETASELIKHGDVVGTSGFTGAGYPKEVPKALAQRMEAAHDRGEKYQISLITGASTGPQL
DGELAKANGVYFRSPFNTDATMRNRINAGETEYFDNHLGQVAGRAVQGNYGKFNIALVEATAITEDGGIVPTSSVGNSQT
FLNLAEKVIIEVNEWQNPMLEGIHDIWDGNVSGVPTRDIVPIVRADQRVGGPVLRVNPDKIAAIVRTNDRDRNAPFAAPD
ETAKAIAGYLLDFFGHEVKQNRLPPSLLPLQSGVGNVANAVLEGLKEGPFENLVGYSEVIQDGMLAMLDSGRMRIASASS
FSLSPEAAEEINNRMDFFRSKIILRQQDVSNSPGIIRRLGCIAMNGMIEADIYGNVNSTRVMGSKMMNGIGGSGDFARSS
YLSIFLSPSTAKGGKISAIVPMAAHVDHIMQDAQIFVTEQGLADLRGLSPVQRAREIISKCAHPDYRPMLQDYFDRALKN
SFGKHTPHLLTEALSWHQRFIDTGTMLPSSLEHHHHHH
;
_entity_poly.pdbx_strand_id   A,B
#
# COMPACT_ATOMS: atom_id res chain seq x y z
N GLU A 3 -3.98 9.98 -44.97
CA GLU A 3 -5.01 10.58 -44.14
CA GLU A 3 -5.03 10.57 -44.15
C GLU A 3 -5.11 9.89 -42.79
N ARG A 4 -5.09 10.68 -41.72
CA ARG A 4 -5.14 10.13 -40.38
C ARG A 4 -6.57 9.93 -39.89
N ILE A 5 -7.53 10.68 -40.41
CA ILE A 5 -8.92 10.49 -39.99
C ILE A 5 -9.64 9.62 -41.03
N ARG A 6 -9.75 8.33 -40.74
CA ARG A 6 -10.22 7.36 -41.73
C ARG A 6 -11.74 7.16 -41.65
N ASN A 7 -12.36 7.68 -40.61
CA ASN A 7 -13.81 7.80 -40.52
C ASN A 7 -14.27 9.11 -41.17
N VAL A 8 -14.98 9.02 -42.29
CA VAL A 8 -15.32 10.21 -43.06
C VAL A 8 -16.22 11.16 -42.28
N ALA A 9 -17.19 10.60 -41.54
CA ALA A 9 -18.13 11.45 -40.80
C ALA A 9 -17.43 12.34 -39.79
N LEU A 10 -16.45 11.80 -39.09
CA LEU A 10 -15.77 12.60 -38.08
C LEU A 10 -14.92 13.73 -38.67
N ARG A 11 -14.61 13.69 -39.97
CA ARG A 11 -13.86 14.79 -40.57
C ARG A 11 -14.61 16.13 -40.49
N SER A 12 -15.92 16.07 -40.39
CA SER A 12 -16.73 17.29 -40.32
CA SER A 12 -16.71 17.29 -40.33
C SER A 12 -16.64 17.98 -38.98
N LYS A 13 -15.98 17.33 -38.01
CA LYS A 13 -15.82 17.90 -36.68
C LYS A 13 -14.47 18.58 -36.53
N VAL A 14 -13.70 18.63 -37.61
CA VAL A 14 -12.38 19.27 -37.56
C VAL A 14 -12.52 20.79 -37.48
N PRO A 16 -10.31 24.69 -35.78
CA PRO A 16 -9.03 25.16 -35.23
C PRO A 16 -8.91 24.99 -33.71
N ALA A 17 -7.67 24.93 -33.23
CA ALA A 17 -7.41 24.77 -31.80
C ALA A 17 -8.09 25.85 -30.96
N GLU A 18 -8.08 27.10 -31.45
CA GLU A 18 -8.64 28.20 -30.68
C GLU A 18 -10.15 28.01 -30.49
N THR A 19 -10.82 27.60 -31.56
CA THR A 19 -12.25 27.36 -31.50
C THR A 19 -12.58 26.18 -30.59
N ALA A 20 -11.78 25.13 -30.67
CA ALA A 20 -11.99 23.98 -29.80
C ALA A 20 -11.84 24.37 -28.34
N SER A 21 -10.89 25.28 -28.05
CA SER A 21 -10.63 25.65 -26.67
C SER A 21 -11.83 26.39 -26.05
N GLU A 22 -12.67 26.99 -26.89
CA GLU A 22 -13.85 27.70 -26.40
C GLU A 22 -14.90 26.77 -25.79
N LEU A 23 -14.78 25.48 -26.08
CA LEU A 23 -15.69 24.49 -25.50
C LEU A 23 -15.41 24.28 -24.02
N ILE A 24 -14.24 24.69 -23.57
CA ILE A 24 -13.79 24.48 -22.19
C ILE A 24 -14.11 25.72 -21.38
N LYS A 25 -14.92 25.55 -20.34
CA LYS A 25 -15.47 26.67 -19.59
C LYS A 25 -14.86 26.77 -18.22
N HIS A 26 -14.90 27.98 -17.66
CA HIS A 26 -14.46 28.17 -16.29
C HIS A 26 -15.18 27.19 -15.36
N GLY A 27 -14.40 26.53 -14.50
CA GLY A 27 -14.95 25.57 -13.55
C GLY A 27 -14.94 24.13 -14.02
N ASP A 28 -14.76 23.93 -15.32
CA ASP A 28 -14.81 22.59 -15.91
C ASP A 28 -13.76 21.65 -15.32
N VAL A 29 -14.15 20.38 -15.20
CA VAL A 29 -13.22 19.29 -14.91
C VAL A 29 -12.81 18.68 -16.25
N VAL A 30 -11.52 18.72 -16.53
CA VAL A 30 -10.94 18.31 -17.79
C VAL A 30 -10.01 17.12 -17.59
N GLY A 31 -10.30 16.01 -18.26
CA GLY A 31 -9.44 14.85 -18.22
C GLY A 31 -8.62 14.80 -19.49
N THR A 32 -7.30 14.68 -19.40
CA THR A 32 -6.48 14.65 -20.61
C THR A 32 -5.60 13.41 -20.72
N SER A 33 -5.20 13.14 -21.95
CA SER A 33 -4.10 12.20 -22.15
C SER A 33 -2.78 12.83 -21.67
N GLY A 34 -1.78 11.97 -21.49
CA GLY A 34 -0.47 12.45 -21.07
C GLY A 34 0.06 11.66 -19.88
N PHE A 35 1.27 11.13 -20.05
CA PHE A 35 1.91 10.28 -19.05
C PHE A 35 3.41 10.35 -19.34
N THR A 36 4.23 10.56 -18.31
CA THR A 36 5.69 10.79 -18.46
C THR A 36 6.10 11.61 -19.68
N GLY A 37 5.44 12.75 -19.85
CA GLY A 37 5.84 13.69 -20.88
C GLY A 37 5.54 13.23 -22.29
N ALA A 38 4.63 12.28 -22.40
CA ALA A 38 4.30 11.67 -23.69
C ALA A 38 2.80 11.63 -23.93
N GLY A 39 2.38 12.08 -25.11
CA GLY A 39 1.02 11.86 -25.55
C GLY A 39 -0.05 12.77 -24.97
N TYR A 40 0.38 13.89 -24.39
CA TYR A 40 -0.54 14.91 -23.87
C TYR A 40 -0.98 15.84 -25.00
N PRO A 41 -2.18 16.43 -24.87
CA PRO A 41 -2.60 17.42 -25.86
C PRO A 41 -1.76 18.69 -25.77
N LYS A 42 -1.59 19.37 -26.90
CA LYS A 42 -0.61 20.45 -26.99
C LYS A 42 -1.21 21.76 -27.50
N GLU A 43 -1.97 21.71 -28.59
CA GLU A 43 -2.41 22.96 -29.20
C GLU A 43 -3.64 23.57 -28.55
N VAL A 44 -4.59 22.73 -28.13
CA VAL A 44 -5.76 23.25 -27.45
C VAL A 44 -5.37 23.86 -26.07
N PRO A 45 -4.51 23.18 -25.27
CA PRO A 45 -4.11 23.84 -24.02
C PRO A 45 -3.41 25.19 -24.24
N LYS A 46 -2.59 25.31 -25.27
CA LYS A 46 -1.91 26.58 -25.55
C LYS A 46 -2.92 27.67 -25.85
N ALA A 47 -3.92 27.34 -26.67
CA ALA A 47 -4.96 28.31 -27.02
C ALA A 47 -5.83 28.66 -25.80
N LEU A 48 -6.15 27.65 -24.99
CA LEU A 48 -6.90 27.86 -23.75
C LEU A 48 -6.17 28.82 -22.81
N ALA A 49 -4.87 28.59 -22.64
CA ALA A 49 -4.06 29.43 -21.77
C ALA A 49 -4.10 30.90 -22.20
N GLN A 50 -4.03 31.15 -23.50
CA GLN A 50 -4.09 32.52 -24.01
C GLN A 50 -5.40 33.18 -23.64
N ARG A 51 -6.49 32.45 -23.82
CA ARG A 51 -7.81 32.99 -23.53
C ARG A 51 -8.01 33.16 -22.02
N MET A 52 -7.42 32.27 -21.22
CA MET A 52 -7.47 32.42 -19.76
C MET A 52 -6.78 33.69 -19.32
N GLU A 53 -5.57 33.91 -19.82
CA GLU A 53 -4.83 35.11 -19.49
C GLU A 53 -5.61 36.38 -19.87
N ALA A 54 -6.21 36.37 -21.06
CA ALA A 54 -6.97 37.52 -21.51
C ALA A 54 -8.16 37.83 -20.59
N ALA A 55 -8.88 36.78 -20.19
CA ALA A 55 -9.99 36.91 -19.25
C ALA A 55 -9.52 37.46 -17.91
N HIS A 56 -8.44 36.90 -17.38
CA HIS A 56 -7.91 37.36 -16.09
C HIS A 56 -7.54 38.83 -16.12
N ASP A 57 -6.98 39.28 -17.23
CA ASP A 57 -6.59 40.69 -17.38
C ASP A 57 -7.80 41.62 -17.28
N ARG A 58 -8.98 41.08 -17.57
CA ARG A 58 -10.21 41.87 -17.53
C ARG A 58 -11.02 41.57 -16.27
N GLY A 59 -10.38 40.91 -15.30
CA GLY A 59 -11.01 40.64 -14.02
C GLY A 59 -12.05 39.54 -14.09
N GLU A 60 -11.91 38.66 -15.07
CA GLU A 60 -12.83 37.55 -15.28
C GLU A 60 -12.18 36.23 -14.87
N LYS A 61 -12.85 35.45 -14.03
CA LYS A 61 -12.30 34.17 -13.61
C LYS A 61 -12.33 33.14 -14.72
N TYR A 62 -11.26 32.34 -14.82
CA TYR A 62 -11.20 31.29 -15.83
C TYR A 62 -10.15 30.27 -15.38
N GLN A 63 -10.60 29.22 -14.70
CA GLN A 63 -9.71 28.14 -14.27
C GLN A 63 -10.40 26.81 -14.47
N ILE A 64 -9.62 25.75 -14.62
CA ILE A 64 -10.16 24.40 -14.74
C ILE A 64 -9.58 23.50 -13.68
N SER A 65 -10.21 22.34 -13.52
CA SER A 65 -9.61 21.23 -12.81
C SER A 65 -8.98 20.31 -13.86
N LEU A 66 -7.72 19.98 -13.67
CA LEU A 66 -6.97 19.25 -14.69
C LEU A 66 -6.58 17.88 -14.14
N ILE A 67 -7.20 16.83 -14.69
CA ILE A 67 -6.88 15.46 -14.30
C ILE A 67 -6.21 14.77 -15.48
N THR A 68 -5.08 14.12 -15.23
CA THR A 68 -4.29 13.55 -16.33
C THR A 68 -4.04 12.07 -16.13
N GLY A 69 -3.19 11.51 -16.99
CA GLY A 69 -2.62 10.19 -16.74
C GLY A 69 -1.54 10.36 -15.68
N ALA A 70 -0.47 11.05 -16.05
CA ALA A 70 0.52 11.48 -15.07
C ALA A 70 1.14 12.77 -15.61
N SER A 71 2.46 12.88 -15.72
CA SER A 71 3.02 14.17 -16.06
C SER A 71 2.79 14.50 -17.54
N THR A 72 2.78 15.80 -17.85
CA THR A 72 2.55 16.24 -19.23
C THR A 72 3.77 16.98 -19.76
N GLY A 73 3.64 18.25 -20.11
CA GLY A 73 4.77 18.96 -20.67
C GLY A 73 4.52 20.45 -20.70
N PRO A 74 5.44 21.21 -21.30
CA PRO A 74 5.35 22.68 -21.33
C PRO A 74 4.06 23.16 -21.99
N GLN A 75 3.59 22.47 -23.03
CA GLN A 75 2.42 22.96 -23.75
C GLN A 75 1.12 22.82 -22.97
N LEU A 76 1.11 21.98 -21.94
CA LEU A 76 -0.12 21.76 -21.15
C LEU A 76 0.04 22.28 -19.72
N ASP A 77 0.71 21.52 -18.85
CA ASP A 77 0.96 22.01 -17.49
C ASP A 77 1.68 23.35 -17.50
N GLY A 78 2.67 23.50 -18.36
CA GLY A 78 3.45 24.72 -18.38
C GLY A 78 2.61 25.94 -18.75
N GLU A 79 1.92 25.86 -19.89
CA GLU A 79 1.16 27.00 -20.39
CA GLU A 79 1.14 27.00 -20.40
C GLU A 79 0.01 27.34 -19.45
N LEU A 80 -0.67 26.31 -18.94
CA LEU A 80 -1.81 26.58 -18.07
C LEU A 80 -1.34 27.15 -16.73
N ALA A 81 -0.20 26.66 -16.21
CA ALA A 81 0.35 27.22 -14.98
C ALA A 81 0.82 28.66 -15.17
N LYS A 82 1.44 28.96 -16.32
CA LYS A 82 1.84 30.34 -16.59
C LYS A 82 0.64 31.28 -16.57
N ALA A 83 -0.48 30.77 -17.07
CA ALA A 83 -1.73 31.53 -17.14
C ALA A 83 -2.50 31.55 -15.83
N ASN A 84 -2.00 30.86 -14.81
CA ASN A 84 -2.72 30.70 -13.52
C ASN A 84 -4.13 30.16 -13.79
N GLY A 85 -4.19 29.14 -14.64
CA GLY A 85 -5.48 28.64 -15.11
C GLY A 85 -5.96 27.34 -14.51
N VAL A 86 -5.31 26.84 -13.45
CA VAL A 86 -5.68 25.53 -12.91
C VAL A 86 -5.98 25.64 -11.42
N TYR A 87 -7.22 25.37 -11.01
CA TYR A 87 -7.52 25.46 -9.59
C TYR A 87 -7.28 24.16 -8.85
N PHE A 88 -7.33 23.04 -9.57
CA PHE A 88 -7.05 21.73 -8.98
C PHE A 88 -6.35 20.85 -10.01
N ARG A 89 -5.37 20.07 -9.54
CA ARG A 89 -4.53 19.25 -10.39
C ARG A 89 -4.34 17.87 -9.77
N SER A 90 -4.46 16.82 -10.59
CA SER A 90 -4.20 15.44 -10.12
C SER A 90 -3.88 14.59 -11.36
N PRO A 91 -3.05 13.54 -11.22
CA PRO A 91 -2.42 13.01 -10.01
C PRO A 91 -0.92 13.22 -9.91
N PHE A 92 -0.30 13.78 -10.93
CA PHE A 92 1.15 13.76 -10.98
C PHE A 92 1.63 14.80 -11.96
N ASN A 93 2.51 15.68 -11.49
CA ASN A 93 3.06 16.78 -12.29
C ASN A 93 4.59 16.83 -12.19
N THR A 94 5.27 17.16 -13.29
CA THR A 94 6.70 17.47 -13.22
C THR A 94 7.07 18.83 -13.82
N ASP A 95 6.09 19.61 -14.27
CA ASP A 95 6.37 20.93 -14.81
C ASP A 95 6.73 21.91 -13.70
N ALA A 96 7.77 22.71 -13.91
CA ALA A 96 8.27 23.56 -12.84
C ALA A 96 7.34 24.73 -12.54
N THR A 97 6.64 25.24 -13.55
CA THR A 97 5.74 26.36 -13.30
C THR A 97 4.53 25.85 -12.53
N MET A 98 4.02 24.69 -12.92
CA MET A 98 2.91 24.07 -12.18
C MET A 98 3.34 23.72 -10.76
N ARG A 99 4.55 23.20 -10.59
CA ARG A 99 5.05 22.91 -9.24
C ARG A 99 5.04 24.19 -8.38
N ASN A 100 5.48 25.30 -8.96
CA ASN A 100 5.47 26.55 -8.22
C ASN A 100 4.06 27.00 -7.83
N ARG A 101 3.08 26.82 -8.72
CA ARG A 101 1.70 27.15 -8.36
C ARG A 101 1.19 26.27 -7.22
N ILE A 102 1.52 24.98 -7.27
CA ILE A 102 1.15 24.05 -6.21
C ILE A 102 1.76 24.47 -4.88
N ASN A 103 3.05 24.80 -4.89
CA ASN A 103 3.72 25.09 -3.64
C ASN A 103 3.42 26.47 -3.09
N ALA A 104 2.78 27.32 -3.90
CA ALA A 104 2.33 28.63 -3.45
C ALA A 104 0.89 28.56 -2.96
N GLY A 105 0.24 27.43 -3.16
CA GLY A 105 -1.16 27.28 -2.80
C GLY A 105 -2.12 27.87 -3.82
N GLU A 106 -1.63 28.12 -5.03
CA GLU A 106 -2.44 28.69 -6.11
C GLU A 106 -3.15 27.59 -6.91
N THR A 107 -2.62 26.39 -6.85
CA THR A 107 -3.26 25.22 -7.47
C THR A 107 -3.36 24.15 -6.39
N GLU A 108 -4.57 23.68 -6.12
CA GLU A 108 -4.77 22.60 -5.16
C GLU A 108 -4.34 21.30 -5.83
N TYR A 109 -3.69 20.43 -5.09
CA TYR A 109 -3.07 19.25 -5.68
C TYR A 109 -3.27 18.03 -4.81
N PHE A 110 -3.57 16.88 -5.43
CA PHE A 110 -3.54 15.63 -4.67
C PHE A 110 -2.93 14.56 -5.55
N ASP A 111 -1.82 13.98 -5.08
CA ASP A 111 -1.11 12.98 -5.87
C ASP A 111 -1.57 11.55 -5.56
N ASN A 112 -2.63 11.14 -6.23
CA ASN A 112 -3.16 9.79 -6.09
C ASN A 112 -2.20 8.74 -6.60
N HIS A 113 -2.26 7.55 -6.02
CA HIS A 113 -1.64 6.37 -6.66
C HIS A 113 -2.09 6.29 -8.11
N LEU A 114 -1.15 6.17 -9.05
CA LEU A 114 -1.52 6.25 -10.46
C LEU A 114 -2.51 5.17 -10.89
N GLY A 115 -2.36 3.95 -10.38
CA GLY A 115 -3.24 2.85 -10.78
C GLY A 115 -4.66 2.98 -10.27
N GLN A 116 -4.87 3.92 -9.35
CA GLN A 116 -6.16 4.15 -8.71
C GLN A 116 -6.98 5.29 -9.30
N VAL A 117 -6.32 6.14 -10.08
CA VAL A 117 -6.95 7.38 -10.56
C VAL A 117 -8.23 7.13 -11.37
N ALA A 118 -8.16 6.18 -12.29
CA ALA A 118 -9.35 5.90 -13.11
C ALA A 118 -10.53 5.49 -12.24
N GLY A 119 -10.28 4.61 -11.26
CA GLY A 119 -11.32 4.16 -10.36
C GLY A 119 -11.95 5.28 -9.53
N ARG A 120 -11.10 6.16 -9.02
CA ARG A 120 -11.62 7.28 -8.23
C ARG A 120 -12.36 8.28 -9.10
N ALA A 121 -11.93 8.43 -10.34
CA ALA A 121 -12.65 9.27 -11.29
C ALA A 121 -14.06 8.72 -11.52
N VAL A 122 -14.17 7.41 -11.74
CA VAL A 122 -15.47 6.78 -11.96
C VAL A 122 -16.35 6.89 -10.70
N GLN A 123 -15.72 6.82 -9.53
CA GLN A 123 -16.46 6.97 -8.28
C GLN A 123 -16.99 8.38 -8.10
N GLY A 124 -16.40 9.33 -8.81
CA GLY A 124 -16.83 10.72 -8.78
C GLY A 124 -16.01 11.63 -7.89
N ASN A 125 -14.86 11.16 -7.41
CA ASN A 125 -14.04 11.94 -6.48
C ASN A 125 -13.56 13.28 -7.02
N TYR A 126 -13.39 13.36 -8.34
CA TYR A 126 -12.93 14.60 -8.97
C TYR A 126 -14.09 15.44 -9.48
N GLY A 127 -15.31 14.96 -9.27
CA GLY A 127 -16.48 15.63 -9.79
C GLY A 127 -16.90 15.03 -11.13
N LYS A 128 -17.80 15.73 -11.80
CA LYS A 128 -18.31 15.30 -13.10
C LYS A 128 -17.35 15.79 -14.19
N PHE A 129 -16.92 14.90 -15.07
CA PHE A 129 -16.02 15.33 -16.14
C PHE A 129 -16.77 16.04 -17.26
N ASN A 130 -16.37 17.27 -17.53
CA ASN A 130 -16.99 18.06 -18.57
C ASN A 130 -16.36 17.83 -19.94
N ILE A 131 -15.04 17.61 -19.92
CA ILE A 131 -14.25 17.53 -21.14
C ILE A 131 -13.24 16.39 -21.03
N ALA A 132 -13.11 15.60 -22.08
CA ALA A 132 -11.92 14.76 -22.26
C ALA A 132 -11.16 15.30 -23.46
N LEU A 133 -9.86 15.52 -23.28
CA LEU A 133 -9.04 16.11 -24.32
C LEU A 133 -7.87 15.16 -24.55
N VAL A 134 -7.89 14.46 -25.68
CA VAL A 134 -7.03 13.31 -25.89
C VAL A 134 -6.28 13.38 -27.20
N GLU A 135 -4.98 13.11 -27.16
CA GLU A 135 -4.17 13.12 -28.38
C GLU A 135 -4.22 11.79 -29.10
N ALA A 136 -4.32 11.84 -30.42
CA ALA A 136 -4.45 10.63 -31.23
C ALA A 136 -3.45 10.58 -32.38
N THR A 137 -3.08 9.36 -32.77
CA THR A 137 -2.25 9.12 -33.94
C THR A 137 -3.12 9.11 -35.18
N ALA A 138 -4.33 8.57 -35.02
CA ALA A 138 -5.25 8.33 -36.12
C ALA A 138 -6.63 8.03 -35.58
N ILE A 139 -7.63 8.17 -36.44
CA ILE A 139 -8.98 7.72 -36.14
C ILE A 139 -9.34 6.67 -37.18
N THR A 140 -9.75 5.49 -36.73
CA THR A 140 -9.97 4.38 -37.66
C THR A 140 -11.30 4.50 -38.38
N GLU A 141 -11.50 3.58 -39.33
CA GLU A 141 -12.71 3.59 -40.15
C GLU A 141 -13.99 3.52 -39.32
N ASP A 142 -13.98 2.76 -38.23
CA ASP A 142 -15.19 2.66 -37.41
C ASP A 142 -15.16 3.62 -36.23
N GLY A 143 -14.28 4.62 -36.29
CA GLY A 143 -14.29 5.67 -35.30
C GLY A 143 -13.49 5.39 -34.04
N GLY A 144 -12.64 4.37 -34.08
CA GLY A 144 -11.75 4.11 -32.96
C GLY A 144 -10.66 5.18 -32.88
N ILE A 145 -10.23 5.50 -31.67
CA ILE A 145 -9.19 6.52 -31.50
C ILE A 145 -7.87 5.83 -31.19
N VAL A 146 -6.89 5.95 -32.08
CA VAL A 146 -5.57 5.36 -31.82
C VAL A 146 -4.76 6.32 -30.94
N PRO A 147 -4.33 5.87 -29.74
CA PRO A 147 -3.54 6.76 -28.89
C PRO A 147 -2.17 7.04 -29.49
N THR A 148 -1.40 7.90 -28.82
CA THR A 148 -0.05 8.18 -29.31
C THR A 148 1.00 7.50 -28.42
N SER A 149 1.88 8.29 -27.82
CA SER A 149 3.02 7.72 -27.09
C SER A 149 2.71 7.28 -25.65
N SER A 150 1.45 7.38 -25.26
CA SER A 150 1.00 6.84 -23.97
C SER A 150 -0.48 6.50 -24.02
N VAL A 151 -0.92 5.65 -23.10
CA VAL A 151 -2.34 5.37 -22.95
C VAL A 151 -2.91 6.07 -21.71
N GLY A 152 -2.24 5.90 -20.58
CA GLY A 152 -2.66 6.59 -19.37
C GLY A 152 -4.09 6.27 -18.96
N ASN A 153 -4.87 7.32 -18.66
CA ASN A 153 -6.27 7.21 -18.26
C ASN A 153 -7.25 7.55 -19.36
N SER A 154 -6.77 7.66 -20.59
CA SER A 154 -7.61 8.20 -21.67
C SER A 154 -8.93 7.46 -21.90
N GLN A 155 -8.94 6.14 -21.75
CA GLN A 155 -10.20 5.42 -22.00
C GLN A 155 -11.24 5.79 -20.95
N THR A 156 -10.78 5.94 -19.70
CA THR A 156 -11.70 6.31 -18.63
C THR A 156 -12.23 7.72 -18.82
N PHE A 157 -11.36 8.65 -19.20
CA PHE A 157 -11.82 10.02 -19.40
C PHE A 157 -12.81 10.10 -20.55
N LEU A 158 -12.57 9.34 -21.61
CA LEU A 158 -13.52 9.32 -22.73
C LEU A 158 -14.88 8.79 -22.28
N ASN A 159 -14.88 7.75 -21.45
CA ASN A 159 -16.14 7.22 -20.92
C ASN A 159 -16.90 8.25 -20.09
N LEU A 160 -16.19 9.00 -19.27
CA LEU A 160 -16.84 9.86 -18.29
C LEU A 160 -17.28 11.22 -18.81
N ALA A 161 -16.53 11.75 -19.77
CA ALA A 161 -16.71 13.15 -20.13
C ALA A 161 -17.99 13.43 -20.94
N GLU A 162 -18.57 14.60 -20.69
CA GLU A 162 -19.76 15.02 -21.42
C GLU A 162 -19.43 15.30 -22.89
N LYS A 163 -18.28 15.94 -23.12
CA LYS A 163 -17.82 16.32 -24.47
C LYS A 163 -16.37 15.91 -24.65
N VAL A 164 -16.01 15.57 -25.88
CA VAL A 164 -14.70 15.06 -26.19
C VAL A 164 -14.04 15.90 -27.27
N ILE A 165 -12.76 16.23 -27.05
CA ILE A 165 -11.95 16.92 -28.04
C ILE A 165 -10.74 16.05 -28.38
N ILE A 166 -10.50 15.78 -29.66
CA ILE A 166 -9.37 14.95 -30.08
C ILE A 166 -8.34 15.78 -30.84
N GLU A 167 -7.06 15.70 -30.44
CA GLU A 167 -5.99 16.28 -31.23
C GLU A 167 -5.31 15.19 -32.04
N VAL A 168 -5.37 15.29 -33.36
CA VAL A 168 -4.73 14.30 -34.21
C VAL A 168 -3.36 14.81 -34.66
N ASN A 169 -2.31 14.20 -34.11
CA ASN A 169 -0.96 14.74 -34.22
C ASN A 169 -0.13 14.01 -35.28
N GLU A 170 0.11 14.68 -36.40
CA GLU A 170 0.85 14.02 -37.47
C GLU A 170 2.33 13.85 -37.13
N TRP A 171 2.80 14.49 -36.06
CA TRP A 171 4.18 14.29 -35.60
C TRP A 171 4.35 12.87 -35.07
N GLN A 172 3.27 12.31 -34.53
CA GLN A 172 3.34 10.96 -33.98
C GLN A 172 3.31 9.95 -35.12
N ASN A 173 4.15 8.93 -34.98
CA ASN A 173 4.33 7.88 -35.97
C ASN A 173 3.06 7.05 -36.23
N PRO A 174 2.60 6.99 -37.49
CA PRO A 174 1.44 6.17 -37.87
C PRO A 174 1.54 4.71 -37.44
N MET A 175 2.76 4.20 -37.37
CA MET A 175 2.95 2.80 -37.07
C MET A 175 2.85 2.50 -35.59
N LEU A 176 2.57 3.52 -34.78
CA LEU A 176 2.15 3.29 -33.40
C LEU A 176 0.84 2.50 -33.36
N GLU A 177 0.03 2.58 -34.43
CA GLU A 177 -1.22 1.84 -34.44
C GLU A 177 -0.96 0.33 -34.34
N GLY A 178 -1.47 -0.28 -33.27
CA GLY A 178 -1.21 -1.68 -33.00
C GLY A 178 -0.41 -1.92 -31.73
N ILE A 179 0.33 -0.90 -31.28
CA ILE A 179 1.19 -1.09 -30.11
C ILE A 179 0.39 -1.08 -28.81
N HIS A 180 -0.79 -0.48 -28.83
CA HIS A 180 -1.58 -0.33 -27.61
C HIS A 180 -2.48 -1.53 -27.36
N ASP A 181 -2.77 -1.77 -26.09
CA ASP A 181 -3.74 -2.77 -25.70
C ASP A 181 -4.75 -2.10 -24.77
N ILE A 182 -5.95 -1.88 -25.29
CA ILE A 182 -7.03 -1.21 -24.58
C ILE A 182 -8.15 -2.22 -24.32
N TRP A 183 -8.48 -2.40 -23.05
CA TRP A 183 -9.49 -3.41 -22.68
C TRP A 183 -10.85 -2.80 -22.37
N ASP A 184 -11.93 -3.46 -22.78
CA ASP A 184 -13.25 -2.97 -22.41
C ASP A 184 -13.75 -3.59 -21.09
N GLY A 185 -12.89 -4.38 -20.45
CA GLY A 185 -13.26 -5.04 -19.21
C GLY A 185 -13.35 -4.07 -18.05
N ASN A 186 -13.96 -4.53 -16.97
CA ASN A 186 -14.19 -3.68 -15.80
C ASN A 186 -13.01 -3.75 -14.83
N VAL A 187 -12.03 -2.86 -15.03
CA VAL A 187 -10.87 -2.79 -14.15
C VAL A 187 -11.09 -1.73 -13.06
N SER A 188 -11.77 -0.66 -13.45
CA SER A 188 -11.89 0.54 -12.59
C SER A 188 -13.33 1.04 -12.51
N GLY A 189 -14.28 0.22 -12.91
CA GLY A 189 -15.69 0.58 -12.87
C GLY A 189 -16.37 0.19 -11.57
N VAL A 190 -17.68 0.03 -11.64
CA VAL A 190 -18.48 -0.32 -10.47
C VAL A 190 -18.27 -1.78 -10.05
N PRO A 191 -18.06 -2.04 -8.75
CA PRO A 191 -17.92 -3.41 -8.27
C PRO A 191 -19.19 -4.22 -8.54
N THR A 192 -19.10 -5.53 -8.70
CA THR A 192 -17.84 -6.29 -8.68
C THR A 192 -17.08 -6.14 -9.97
N ARG A 193 -15.77 -5.94 -9.87
CA ARG A 193 -14.94 -5.78 -11.05
C ARG A 193 -14.67 -7.13 -11.71
N ASP A 194 -14.18 -7.07 -12.94
CA ASP A 194 -13.81 -8.27 -13.68
C ASP A 194 -12.44 -8.77 -13.21
N ILE A 195 -12.23 -10.07 -13.31
CA ILE A 195 -10.89 -10.63 -13.22
C ILE A 195 -10.08 -10.02 -14.36
N VAL A 196 -8.90 -9.47 -14.06
CA VAL A 196 -8.00 -9.07 -15.13
C VAL A 196 -7.05 -10.24 -15.37
N PRO A 197 -7.20 -10.93 -16.51
CA PRO A 197 -6.61 -12.26 -16.69
C PRO A 197 -5.15 -12.28 -17.16
N ILE A 198 -4.38 -11.24 -16.87
CA ILE A 198 -3.01 -11.17 -17.33
C ILE A 198 -2.11 -12.08 -16.49
N VAL A 199 -1.46 -13.04 -17.15
CA VAL A 199 -0.54 -13.94 -16.45
C VAL A 199 0.85 -13.98 -17.12
N ARG A 200 1.06 -13.11 -18.11
CA ARG A 200 2.35 -12.93 -18.78
C ARG A 200 2.48 -11.47 -19.13
N ALA A 201 3.68 -10.91 -19.02
CA ALA A 201 3.87 -9.49 -19.31
C ALA A 201 3.59 -9.12 -20.77
N ASP A 202 3.69 -10.10 -21.66
CA ASP A 202 3.46 -9.87 -23.08
C ASP A 202 2.04 -10.21 -23.53
N GLN A 203 1.13 -10.39 -22.57
CA GLN A 203 -0.23 -10.80 -22.90
C GLN A 203 -1.13 -9.63 -23.25
N ARG A 204 -1.82 -9.73 -24.39
CA ARG A 204 -2.81 -8.72 -24.77
C ARG A 204 -4.20 -9.22 -24.40
N VAL A 205 -5.03 -8.33 -23.86
CA VAL A 205 -6.38 -8.69 -23.46
C VAL A 205 -7.43 -7.89 -24.21
N GLY A 206 -7.00 -6.89 -24.96
CA GLY A 206 -7.95 -5.98 -25.57
C GLY A 206 -7.68 -5.74 -27.04
N GLY A 207 -7.82 -4.48 -27.44
CA GLY A 207 -7.64 -4.10 -28.82
C GLY A 207 -6.83 -2.83 -28.94
N PRO A 208 -6.65 -2.36 -30.18
CA PRO A 208 -5.72 -1.27 -30.49
C PRO A 208 -6.29 0.14 -30.38
N VAL A 209 -7.58 0.27 -30.07
CA VAL A 209 -8.17 1.61 -30.07
C VAL A 209 -8.94 1.96 -28.81
N LEU A 210 -8.91 3.23 -28.48
CA LEU A 210 -9.85 3.78 -27.52
C LEU A 210 -11.22 3.86 -28.15
N ARG A 211 -12.25 3.61 -27.36
CA ARG A 211 -13.62 3.64 -27.86
C ARG A 211 -14.39 4.83 -27.30
N VAL A 212 -15.15 5.49 -28.16
CA VAL A 212 -15.98 6.61 -27.72
C VAL A 212 -17.17 6.77 -28.67
N ASN A 213 -18.32 7.09 -28.10
CA ASN A 213 -19.51 7.43 -28.86
C ASN A 213 -19.17 8.65 -29.71
N PRO A 214 -19.28 8.53 -31.04
CA PRO A 214 -18.92 9.69 -31.87
C PRO A 214 -19.77 10.92 -31.62
N ASP A 215 -20.96 10.72 -31.07
CA ASP A 215 -21.84 11.86 -30.81
C ASP A 215 -21.30 12.76 -29.68
N LYS A 216 -20.34 12.28 -28.91
CA LYS A 216 -19.74 13.08 -27.83
C LYS A 216 -18.55 13.88 -28.33
N ILE A 217 -18.06 13.57 -29.52
CA ILE A 217 -16.91 14.30 -30.06
C ILE A 217 -17.39 15.64 -30.57
N ALA A 218 -16.93 16.70 -29.90
CA ALA A 218 -17.37 18.06 -30.18
C ALA A 218 -16.38 18.78 -31.10
N ALA A 219 -15.15 18.29 -31.14
CA ALA A 219 -14.12 18.92 -31.96
C ALA A 219 -12.96 17.98 -32.20
N ILE A 220 -12.37 18.11 -33.37
CA ILE A 220 -11.13 17.44 -33.71
C ILE A 220 -10.15 18.47 -34.23
N VAL A 221 -8.94 18.47 -33.70
CA VAL A 221 -7.94 19.46 -34.07
C VAL A 221 -6.71 18.80 -34.68
N ARG A 222 -6.32 19.24 -35.86
CA ARG A 222 -5.13 18.72 -36.52
C ARG A 222 -3.91 19.43 -35.99
N THR A 223 -2.97 18.65 -35.46
CA THR A 223 -1.77 19.23 -34.87
C THR A 223 -0.50 18.61 -35.45
N ASN A 224 0.63 19.22 -35.11
CA ASN A 224 1.93 18.75 -35.51
C ASN A 224 2.98 19.30 -34.54
N ASP A 225 3.20 18.60 -33.43
CA ASP A 225 4.07 19.10 -32.38
C ASP A 225 4.70 17.96 -31.59
N ARG A 226 5.90 18.17 -31.07
CA ARG A 226 6.63 17.10 -30.38
CA ARG A 226 6.66 17.12 -30.37
C ARG A 226 6.27 16.93 -28.91
N ASP A 227 6.43 15.72 -28.41
CA ASP A 227 6.38 15.42 -26.98
C ASP A 227 7.53 16.10 -26.25
N ARG A 228 7.51 16.03 -24.92
CA ARG A 228 8.51 16.67 -24.04
C ARG A 228 9.93 16.18 -24.36
N ASN A 229 10.09 14.85 -24.42
CA ASN A 229 11.36 14.16 -24.68
C ASN A 229 12.57 14.75 -23.94
N ALA A 230 12.69 14.45 -22.66
CA ALA A 230 13.77 14.99 -21.85
C ALA A 230 15.13 14.44 -22.32
N PRO A 231 16.17 15.27 -22.18
CA PRO A 231 17.53 14.80 -22.52
C PRO A 231 17.91 13.55 -21.73
N PHE A 232 18.74 12.70 -22.33
CA PHE A 232 19.22 11.51 -21.66
C PHE A 232 20.10 11.89 -20.47
N ALA A 233 19.73 11.40 -19.29
CA ALA A 233 20.52 11.65 -18.09
C ALA A 233 21.64 10.62 -18.02
N ALA A 234 22.83 11.02 -18.44
CA ALA A 234 23.97 10.10 -18.46
C ALA A 234 24.36 9.71 -17.04
N PRO A 235 24.52 8.40 -16.79
CA PRO A 235 24.94 7.96 -15.45
C PRO A 235 26.26 8.56 -15.00
N ASP A 236 26.27 9.11 -13.79
CA ASP A 236 27.51 9.59 -13.21
C ASP A 236 28.08 8.46 -12.36
N GLU A 237 29.21 8.70 -11.69
CA GLU A 237 29.83 7.62 -10.94
C GLU A 237 28.96 7.18 -9.76
N THR A 238 28.18 8.10 -9.20
CA THR A 238 27.28 7.73 -8.11
C THR A 238 26.24 6.73 -8.60
N ALA A 239 25.62 7.03 -9.74
CA ALA A 239 24.62 6.14 -10.32
C ALA A 239 25.24 4.80 -10.68
N LYS A 240 26.45 4.82 -11.22
CA LYS A 240 27.14 3.59 -11.60
C LYS A 240 27.43 2.70 -10.39
N ALA A 241 27.81 3.32 -9.27
CA ALA A 241 28.09 2.57 -8.06
C ALA A 241 26.83 1.93 -7.53
N ILE A 242 25.74 2.70 -7.55
CA ILE A 242 24.44 2.19 -7.13
C ILE A 242 24.04 1.00 -7.98
N ALA A 243 24.16 1.14 -9.30
CA ALA A 243 23.80 0.07 -10.23
C ALA A 243 24.66 -1.16 -9.97
N GLY A 244 25.94 -0.94 -9.66
CA GLY A 244 26.86 -2.03 -9.39
C GLY A 244 26.45 -2.83 -8.16
N TYR A 245 26.10 -2.15 -7.07
CA TYR A 245 25.65 -2.87 -5.87
C TYR A 245 24.37 -3.64 -6.17
N LEU A 246 23.46 -3.03 -6.93
CA LEU A 246 22.19 -3.69 -7.22
C LEU A 246 22.39 -4.95 -8.07
N LEU A 247 23.20 -4.83 -9.11
CA LEU A 247 23.43 -5.95 -10.01
C LEU A 247 24.18 -7.07 -9.29
N ASP A 248 25.08 -6.72 -8.37
CA ASP A 248 25.75 -7.72 -7.55
C ASP A 248 24.75 -8.49 -6.68
N PHE A 249 23.80 -7.75 -6.11
CA PHE A 249 22.71 -8.31 -5.31
C PHE A 249 21.86 -9.27 -6.14
N PHE A 250 21.43 -8.84 -7.33
CA PHE A 250 20.66 -9.71 -8.22
C PHE A 250 21.46 -11.00 -8.51
N GLY A 251 22.75 -10.85 -8.78
CA GLY A 251 23.62 -11.99 -9.04
C GLY A 251 23.61 -12.97 -7.89
N HIS A 252 23.68 -12.45 -6.67
CA HIS A 252 23.67 -13.30 -5.50
C HIS A 252 22.33 -13.99 -5.30
N GLU A 253 21.23 -13.27 -5.52
CA GLU A 253 19.92 -13.86 -5.40
C GLU A 253 19.76 -15.04 -6.36
N VAL A 254 20.27 -14.87 -7.58
CA VAL A 254 20.22 -15.96 -8.55
C VAL A 254 21.05 -17.15 -8.11
N LYS A 255 22.25 -16.91 -7.59
CA LYS A 255 23.11 -18.01 -7.15
C LYS A 255 22.59 -18.70 -5.90
N GLN A 256 21.70 -18.03 -5.17
CA GLN A 256 21.02 -18.67 -4.03
C GLN A 256 19.61 -19.15 -4.40
N ASN A 257 19.31 -19.16 -5.70
CA ASN A 257 18.03 -19.62 -6.23
C ASN A 257 16.80 -18.87 -5.70
N ARG A 258 16.98 -17.62 -5.28
CA ARG A 258 15.85 -16.80 -4.85
C ARG A 258 15.33 -15.93 -6.00
N LEU A 259 16.05 -15.95 -7.12
CA LEU A 259 15.56 -15.40 -8.39
C LEU A 259 16.00 -16.36 -9.50
N PRO A 260 15.19 -16.46 -10.57
CA PRO A 260 15.60 -17.17 -11.78
C PRO A 260 16.72 -16.42 -12.50
N PRO A 261 17.46 -17.10 -13.38
CA PRO A 261 18.49 -16.39 -14.16
C PRO A 261 17.90 -15.32 -15.08
N SER A 262 16.59 -15.38 -15.35
CA SER A 262 15.91 -14.33 -16.11
C SER A 262 15.30 -13.26 -15.19
N LEU A 263 15.63 -13.32 -13.90
CA LEU A 263 15.09 -12.44 -12.87
C LEU A 263 13.55 -12.54 -12.88
N LEU A 264 12.88 -11.43 -12.62
CA LEU A 264 11.43 -11.36 -12.65
C LEU A 264 11.06 -10.09 -13.43
N PRO A 265 9.76 -9.89 -13.73
CA PRO A 265 9.43 -8.67 -14.49
C PRO A 265 9.90 -7.42 -13.77
N LEU A 266 10.54 -6.52 -14.51
CA LEU A 266 11.23 -5.37 -13.91
C LEU A 266 10.46 -4.08 -14.07
N GLN A 267 10.35 -3.33 -12.97
CA GLN A 267 9.79 -1.98 -12.98
C GLN A 267 10.86 -1.00 -12.55
N SER A 268 11.05 0.03 -13.33
CA SER A 268 11.93 1.08 -12.92
C SER A 268 11.49 2.43 -13.47
N GLY A 269 12.23 3.43 -13.12
CA GLY A 269 11.98 4.77 -13.61
C GLY A 269 12.79 5.28 -14.76
N VAL A 270 12.95 6.57 -14.62
CA VAL A 270 13.69 7.29 -15.51
C VAL A 270 14.69 8.06 -14.67
N GLY A 271 15.69 8.51 -15.35
CA GLY A 271 16.72 9.28 -14.71
C GLY A 271 17.98 8.50 -14.57
N ASN A 272 18.99 9.20 -14.11
CA ASN A 272 20.36 8.77 -13.80
C ASN A 272 20.49 7.31 -13.36
N VAL A 273 19.91 7.03 -12.20
CA VAL A 273 20.10 5.72 -11.58
C VAL A 273 19.47 4.62 -12.42
N ALA A 274 18.23 4.82 -12.85
CA ALA A 274 17.56 3.82 -13.67
C ALA A 274 18.37 3.53 -14.93
N ASN A 275 18.90 4.60 -15.53
CA ASN A 275 19.69 4.45 -16.75
C ASN A 275 20.93 3.59 -16.48
N ALA A 276 21.58 3.79 -15.33
CA ALA A 276 22.75 3.02 -14.98
C ALA A 276 22.39 1.55 -14.78
N VAL A 277 21.24 1.31 -14.15
CA VAL A 277 20.78 -0.05 -13.92
C VAL A 277 20.50 -0.76 -15.23
N LEU A 278 19.81 -0.08 -16.15
CA LEU A 278 19.52 -0.67 -17.46
C LEU A 278 20.80 -0.95 -18.23
N GLU A 279 21.80 -0.08 -18.09
CA GLU A 279 23.07 -0.33 -18.78
C GLU A 279 23.77 -1.55 -18.18
N GLY A 280 23.64 -1.72 -16.88
CA GLY A 280 24.23 -2.86 -16.20
C GLY A 280 23.57 -4.18 -16.58
N LEU A 281 22.24 -4.13 -16.71
CA LEU A 281 21.49 -5.32 -17.14
C LEU A 281 21.87 -5.73 -18.56
N LYS A 282 22.18 -4.75 -19.40
CA LYS A 282 22.55 -5.02 -20.78
C LYS A 282 23.90 -5.73 -20.84
N GLU A 283 24.75 -5.44 -19.86
CA GLU A 283 26.09 -6.01 -19.81
C GLU A 283 26.19 -7.23 -18.90
N GLY A 284 25.12 -7.47 -18.13
CA GLY A 284 25.16 -8.50 -17.10
C GLY A 284 24.96 -9.92 -17.60
N PRO A 285 24.94 -10.88 -16.67
CA PRO A 285 24.83 -12.32 -16.95
C PRO A 285 23.39 -12.82 -17.14
N PHE A 286 22.42 -11.94 -17.05
CA PHE A 286 21.01 -12.36 -17.05
C PHE A 286 20.45 -12.35 -18.46
N GLU A 287 19.54 -13.27 -18.76
CA GLU A 287 19.00 -13.37 -20.10
C GLU A 287 17.48 -13.38 -20.06
N ASN A 288 16.85 -13.20 -21.22
CA ASN A 288 15.40 -13.35 -21.32
C ASN A 288 14.64 -12.49 -20.32
N LEU A 289 15.14 -11.26 -20.14
CA LEU A 289 14.51 -10.31 -19.24
C LEU A 289 13.17 -9.82 -19.74
N VAL A 290 12.34 -9.42 -18.80
CA VAL A 290 11.00 -8.94 -19.09
C VAL A 290 10.73 -7.64 -18.33
N GLY A 291 10.09 -6.67 -18.99
CA GLY A 291 9.73 -5.44 -18.31
C GLY A 291 8.24 -5.36 -18.07
N TYR A 292 7.85 -5.08 -16.82
CA TYR A 292 6.45 -4.77 -16.54
C TYR A 292 6.48 -3.53 -15.66
N SER A 293 6.28 -2.38 -16.30
CA SER A 293 6.62 -1.10 -15.70
CA SER A 293 6.53 -1.11 -15.60
C SER A 293 5.57 -0.04 -16.06
N GLU A 294 5.84 1.20 -15.67
CA GLU A 294 5.01 2.31 -16.15
C GLU A 294 5.51 2.83 -17.47
N VAL A 295 6.80 2.67 -17.73
CA VAL A 295 7.48 3.40 -18.80
C VAL A 295 8.43 2.55 -19.62
N ILE A 296 8.58 2.90 -20.90
CA ILE A 296 9.67 2.41 -21.74
C ILE A 296 10.73 3.49 -21.76
N GLN A 297 11.96 3.16 -21.36
CA GLN A 297 12.99 4.19 -21.46
C GLN A 297 14.13 3.74 -22.37
N ASP A 298 15.14 4.61 -22.53
CA ASP A 298 16.15 4.45 -23.58
C ASP A 298 16.85 3.09 -23.52
N GLY A 299 17.27 2.70 -22.32
CA GLY A 299 18.09 1.51 -22.14
C GLY A 299 17.40 0.23 -22.55
N MET A 300 16.08 0.28 -22.62
CA MET A 300 15.30 -0.87 -23.05
C MET A 300 15.36 -1.15 -24.54
N LEU A 301 15.31 -0.09 -25.36
CA LEU A 301 15.36 -0.30 -26.79
C LEU A 301 16.59 -1.10 -27.13
N ALA A 302 17.69 -0.76 -26.45
CA ALA A 302 18.93 -1.48 -26.59
C ALA A 302 18.75 -2.96 -26.29
N MET A 303 18.08 -3.26 -25.17
CA MET A 303 17.95 -4.65 -24.74
C MET A 303 16.90 -5.37 -25.58
N LEU A 304 15.86 -4.67 -26.01
CA LEU A 304 14.88 -5.28 -26.91
C LEU A 304 15.51 -5.60 -28.27
N ASP A 305 16.38 -4.71 -28.74
CA ASP A 305 17.03 -4.93 -30.03
C ASP A 305 18.02 -6.11 -29.97
N SER A 306 18.83 -6.16 -28.92
CA SER A 306 19.81 -7.22 -28.78
C SER A 306 19.14 -8.57 -28.51
N GLY A 307 18.01 -8.53 -27.80
CA GLY A 307 17.30 -9.72 -27.44
C GLY A 307 17.47 -10.03 -25.97
N ARG A 308 18.25 -9.19 -25.29
CA ARG A 308 18.47 -9.33 -23.85
C ARG A 308 17.14 -9.23 -23.11
N MET A 309 16.28 -8.33 -23.57
CA MET A 309 14.92 -8.23 -23.05
CA MET A 309 14.92 -8.20 -23.06
C MET A 309 13.95 -8.72 -24.11
N ARG A 310 13.00 -9.55 -23.71
CA ARG A 310 12.08 -10.17 -24.67
C ARG A 310 10.82 -9.35 -24.95
N ILE A 311 10.34 -8.64 -23.92
CA ILE A 311 9.15 -7.83 -24.03
C ILE A 311 9.22 -6.70 -23.00
N ALA A 312 8.55 -5.61 -23.29
CA ALA A 312 8.44 -4.52 -22.32
C ALA A 312 7.02 -4.00 -22.32
N SER A 313 6.38 -4.09 -21.17
CA SER A 313 5.03 -3.57 -20.95
C SER A 313 5.12 -2.25 -20.19
N ALA A 314 4.29 -1.29 -20.57
CA ALA A 314 4.29 0.04 -19.95
C ALA A 314 2.98 0.75 -20.25
N SER A 315 2.79 1.95 -19.70
CA SER A 315 1.69 2.79 -20.16
C SER A 315 2.18 3.88 -21.12
N SER A 316 3.49 4.16 -21.12
CA SER A 316 4.03 5.29 -21.86
CA SER A 316 4.03 5.29 -21.87
C SER A 316 5.48 5.10 -22.29
N PHE A 317 5.89 5.91 -23.26
CA PHE A 317 7.30 6.06 -23.56
CA PHE A 317 7.29 6.14 -23.64
C PHE A 317 7.88 7.23 -22.75
N SER A 318 9.14 7.07 -22.35
CA SER A 318 9.88 8.13 -21.69
C SER A 318 11.26 8.12 -22.32
N LEU A 319 11.37 8.71 -23.51
CA LEU A 319 12.56 8.60 -24.36
C LEU A 319 13.25 9.92 -24.62
N SER A 320 14.57 9.86 -24.78
CA SER A 320 15.36 11.03 -25.18
C SER A 320 15.10 11.29 -26.66
N PRO A 321 15.51 12.46 -27.16
CA PRO A 321 15.40 12.71 -28.60
C PRO A 321 16.05 11.63 -29.48
N GLU A 322 17.24 11.17 -29.11
CA GLU A 322 17.95 10.19 -29.92
C GLU A 322 17.25 8.82 -29.90
N ALA A 323 16.75 8.41 -28.74
CA ALA A 323 16.02 7.15 -28.63
C ALA A 323 14.66 7.26 -29.33
N ALA A 324 14.06 8.44 -29.29
CA ALA A 324 12.78 8.65 -29.95
C ALA A 324 12.94 8.43 -31.45
N GLU A 325 14.06 8.87 -32.01
CA GLU A 325 14.32 8.70 -33.43
C GLU A 325 14.67 7.24 -33.76
N GLU A 326 15.33 6.56 -32.84
CA GLU A 326 15.65 5.16 -33.02
C GLU A 326 14.38 4.30 -33.12
N ILE A 327 13.41 4.56 -32.26
CA ILE A 327 12.21 3.73 -32.25
C ILE A 327 11.31 4.09 -33.42
N ASN A 328 11.37 5.32 -33.90
CA ASN A 328 10.52 5.72 -35.01
C ASN A 328 11.02 5.18 -36.34
N ASN A 329 12.33 5.11 -36.50
CA ASN A 329 12.89 4.55 -37.71
C ASN A 329 12.71 3.04 -37.75
N ARG A 330 12.40 2.43 -36.61
CA ARG A 330 12.22 1.00 -36.55
C ARG A 330 10.93 0.58 -35.82
N MET A 331 9.88 1.38 -35.98
CA MET A 331 8.66 1.16 -35.21
C MET A 331 8.04 -0.20 -35.49
N ASP A 332 8.23 -0.72 -36.70
CA ASP A 332 7.59 -2.00 -36.95
C ASP A 332 8.28 -3.14 -36.20
N PHE A 333 9.59 -3.03 -36.00
CA PHE A 333 10.28 -3.95 -35.12
C PHE A 333 9.86 -3.77 -33.65
N PHE A 334 9.97 -2.55 -33.15
CA PHE A 334 9.72 -2.33 -31.72
C PHE A 334 8.26 -2.53 -31.35
N ARG A 335 7.37 -2.31 -32.31
CA ARG A 335 5.94 -2.47 -32.06
C ARG A 335 5.64 -3.91 -31.67
N SER A 336 6.46 -4.83 -32.16
CA SER A 336 6.28 -6.24 -31.85
C SER A 336 6.88 -6.63 -30.50
N LYS A 337 7.60 -5.70 -29.86
CA LYS A 337 8.34 -5.96 -28.62
C LYS A 337 7.79 -5.21 -27.41
N ILE A 338 6.83 -4.32 -27.67
CA ILE A 338 6.33 -3.39 -26.65
C ILE A 338 4.81 -3.46 -26.60
N ILE A 339 4.24 -3.43 -25.41
CA ILE A 339 2.81 -3.26 -25.25
C ILE A 339 2.54 -2.05 -24.38
N LEU A 340 1.74 -1.10 -24.88
CA LEU A 340 1.33 0.04 -24.05
C LEU A 340 -0.09 -0.20 -23.55
N ARG A 341 -0.26 -0.15 -22.24
CA ARG A 341 -1.49 -0.51 -21.57
C ARG A 341 -2.12 0.71 -20.87
N GLN A 342 -3.41 0.64 -20.58
CA GLN A 342 -4.07 1.60 -19.67
C GLN A 342 -3.31 1.61 -18.34
N GLN A 343 -3.19 2.78 -17.71
CA GLN A 343 -2.38 2.80 -16.49
C GLN A 343 -3.05 2.08 -15.32
N ASP A 344 -4.38 1.90 -15.36
CA ASP A 344 -4.99 1.11 -14.29
C ASP A 344 -4.71 -0.39 -14.50
N VAL A 345 -4.13 -0.75 -15.63
CA VAL A 345 -3.65 -2.13 -15.84
C VAL A 345 -2.14 -2.25 -15.61
N SER A 346 -1.35 -1.33 -16.17
CA SER A 346 0.09 -1.36 -15.92
C SER A 346 0.39 -1.23 -14.43
N ASN A 347 -0.47 -0.50 -13.71
CA ASN A 347 -0.25 -0.23 -12.30
C ASN A 347 -1.25 -0.96 -11.40
N SER A 348 -1.81 -2.06 -11.90
CA SER A 348 -2.73 -2.87 -11.14
C SER A 348 -2.02 -3.69 -10.06
N PRO A 349 -2.34 -3.45 -8.77
CA PRO A 349 -1.64 -4.21 -7.72
C PRO A 349 -1.82 -5.71 -7.87
N GLY A 350 -3.02 -6.14 -8.28
CA GLY A 350 -3.29 -7.54 -8.47
C GLY A 350 -2.36 -8.16 -9.49
N ILE A 351 -2.15 -7.47 -10.62
CA ILE A 351 -1.29 -7.97 -11.68
CA ILE A 351 -1.29 -7.99 -11.67
C ILE A 351 0.17 -7.91 -11.27
N ILE A 352 0.57 -6.80 -10.66
CA ILE A 352 1.96 -6.63 -10.25
C ILE A 352 2.36 -7.77 -9.29
N ARG A 353 1.51 -8.07 -8.32
CA ARG A 353 1.80 -9.18 -7.41
C ARG A 353 1.80 -10.54 -8.10
N ARG A 354 0.86 -10.74 -9.01
CA ARG A 354 0.73 -12.03 -9.67
C ARG A 354 1.97 -12.35 -10.49
N LEU A 355 2.47 -11.34 -11.22
CA LEU A 355 3.65 -11.51 -12.06
C LEU A 355 4.93 -11.51 -11.24
N GLY A 356 4.86 -11.02 -10.01
CA GLY A 356 6.02 -11.02 -9.11
C GLY A 356 7.05 -9.97 -9.50
N CYS A 357 6.60 -8.76 -9.77
CA CYS A 357 7.50 -7.71 -10.25
C CYS A 357 8.57 -7.35 -9.23
N ILE A 358 9.74 -7.01 -9.75
CA ILE A 358 10.77 -6.36 -8.95
C ILE A 358 10.63 -4.85 -9.11
N ALA A 359 10.37 -4.16 -8.02
CA ALA A 359 10.15 -2.71 -8.07
C ALA A 359 11.42 -1.96 -7.69
N MET A 360 11.80 -0.98 -8.51
CA MET A 360 12.99 -0.19 -8.27
C MET A 360 12.60 1.28 -8.35
N ASN A 361 12.65 1.97 -7.21
CA ASN A 361 12.14 3.32 -7.17
C ASN A 361 13.11 4.28 -6.49
N GLY A 362 12.99 5.57 -6.83
CA GLY A 362 13.83 6.56 -6.19
C GLY A 362 13.21 7.04 -4.91
N MET A 363 13.84 8.03 -4.29
CA MET A 363 13.32 8.61 -3.06
C MET A 363 13.94 9.96 -2.82
N ILE A 364 13.24 10.81 -2.08
CA ILE A 364 13.87 12.01 -1.52
C ILE A 364 14.78 11.66 -0.35
N GLU A 365 14.23 10.89 0.59
CA GLU A 365 14.96 10.53 1.81
C GLU A 365 14.32 9.29 2.42
N ALA A 366 15.08 8.63 3.28
CA ALA A 366 14.54 7.57 4.12
C ALA A 366 15.01 7.83 5.52
N ASP A 367 14.22 7.44 6.51
CA ASP A 367 14.77 7.57 7.84
C ASP A 367 15.52 6.31 8.21
N ILE A 368 16.07 6.30 9.42
CA ILE A 368 16.96 5.19 9.77
C ILE A 368 16.19 3.88 9.88
N TYR A 369 14.87 3.95 10.05
CA TYR A 369 14.07 2.72 10.09
C TYR A 369 13.57 2.29 8.72
N GLY A 370 13.87 3.07 7.68
CA GLY A 370 13.52 2.65 6.33
C GLY A 370 12.09 2.95 5.95
N ASN A 371 11.51 4.00 6.54
CA ASN A 371 10.35 4.67 5.96
C ASN A 371 10.83 5.66 4.92
N VAL A 372 10.08 5.76 3.82
CA VAL A 372 10.53 6.50 2.64
C VAL A 372 9.65 7.69 2.32
N ASN A 373 10.30 8.84 2.06
CA ASN A 373 9.67 10.05 1.53
C ASN A 373 9.97 10.12 0.04
N SER A 374 8.94 10.12 -0.79
CA SER A 374 9.11 10.26 -2.23
C SER A 374 8.71 11.61 -2.77
N THR A 375 8.18 12.49 -1.93
CA THR A 375 7.40 13.62 -2.47
C THR A 375 7.64 15.00 -1.87
N ARG A 376 7.81 15.09 -0.56
CA ARG A 376 7.66 16.39 0.08
C ARG A 376 8.92 16.82 0.83
N VAL A 377 9.64 17.76 0.22
CA VAL A 377 10.89 18.24 0.75
C VAL A 377 10.61 19.04 2.02
N MET A 378 11.35 18.68 3.08
CA MET A 378 11.14 19.23 4.43
C MET A 378 9.75 18.90 4.97
N GLY A 379 9.05 17.98 4.31
CA GLY A 379 7.71 17.61 4.69
C GLY A 379 6.59 18.45 4.08
N SER A 380 6.93 19.55 3.41
CA SER A 380 5.89 20.51 3.04
C SER A 380 5.91 21.00 1.59
N LYS A 381 7.03 20.78 0.91
CA LYS A 381 7.19 21.32 -0.44
C LYS A 381 7.16 20.18 -1.45
N MET A 382 6.13 20.16 -2.29
CA MET A 382 5.95 19.08 -3.24
C MET A 382 7.04 19.09 -4.31
N MET A 383 7.57 17.90 -4.61
CA MET A 383 8.44 17.71 -5.76
CA MET A 383 8.44 17.71 -5.76
C MET A 383 7.57 17.30 -6.95
N ASN A 384 7.39 16.00 -7.16
CA ASN A 384 6.54 15.56 -8.28
C ASN A 384 5.24 14.93 -7.81
N GLY A 385 5.34 13.85 -7.04
CA GLY A 385 4.18 13.15 -6.54
C GLY A 385 4.53 11.69 -6.32
N ILE A 386 3.63 10.93 -5.68
CA ILE A 386 3.96 9.56 -5.35
C ILE A 386 3.99 8.73 -6.61
N GLY A 387 3.21 9.13 -7.62
CA GLY A 387 3.21 8.41 -8.88
C GLY A 387 2.76 6.97 -8.70
N GLY A 388 3.45 6.05 -9.34
CA GLY A 388 3.14 4.64 -9.23
C GLY A 388 4.03 3.91 -8.23
N SER A 389 4.82 4.68 -7.47
CA SER A 389 5.82 4.06 -6.59
C SER A 389 5.14 3.24 -5.48
N GLY A 390 3.95 3.65 -5.05
CA GLY A 390 3.22 2.89 -4.04
C GLY A 390 2.52 1.68 -4.63
N ASP A 391 1.94 1.85 -5.82
CA ASP A 391 1.38 0.72 -6.58
C ASP A 391 2.40 -0.42 -6.63
N PHE A 392 3.62 -0.09 -7.07
CA PHE A 392 4.64 -1.09 -7.24
C PHE A 392 5.33 -1.50 -5.94
N ALA A 393 5.67 -0.55 -5.06
CA ALA A 393 6.41 -0.94 -3.86
C ALA A 393 5.62 -1.94 -3.04
N ARG A 394 4.33 -1.66 -2.83
CA ARG A 394 3.57 -2.52 -1.95
C ARG A 394 3.25 -3.89 -2.57
N SER A 395 3.05 -3.94 -3.88
CA SER A 395 2.59 -5.16 -4.55
CA SER A 395 2.59 -5.21 -4.46
C SER A 395 3.72 -6.05 -5.06
N SER A 396 4.91 -5.49 -5.13
CA SER A 396 6.06 -6.17 -5.72
C SER A 396 6.50 -7.40 -4.96
N TYR A 397 7.22 -8.28 -5.65
CA TYR A 397 7.91 -9.40 -5.00
C TYR A 397 9.07 -8.90 -4.17
N LEU A 398 9.74 -7.88 -4.69
CA LEU A 398 10.85 -7.24 -4.01
CA LEU A 398 10.83 -7.25 -3.99
C LEU A 398 10.76 -5.75 -4.22
N SER A 399 10.79 -4.99 -3.13
CA SER A 399 10.70 -3.54 -3.21
C SER A 399 12.05 -2.91 -2.87
N ILE A 400 12.61 -2.24 -3.87
CA ILE A 400 13.96 -1.67 -3.78
C ILE A 400 13.92 -0.17 -3.97
N PHE A 401 14.61 0.56 -3.07
CA PHE A 401 14.73 2.00 -3.20
C PHE A 401 16.19 2.39 -3.38
N LEU A 402 16.43 3.27 -4.34
CA LEU A 402 17.78 3.62 -4.77
C LEU A 402 17.97 5.14 -4.79
N SER A 403 19.09 5.60 -4.27
CA SER A 403 19.32 7.04 -4.17
C SER A 403 20.77 7.34 -3.86
N PRO A 404 21.29 8.46 -4.36
CA PRO A 404 22.53 8.97 -3.76
C PRO A 404 22.34 9.16 -2.26
N SER A 405 23.41 9.02 -1.50
CA SER A 405 23.29 9.07 -0.06
C SER A 405 23.18 10.51 0.43
N THR A 406 23.53 11.47 -0.43
CA THR A 406 23.41 12.89 -0.11
C THR A 406 22.78 13.65 -1.28
N ALA A 407 22.34 14.86 -0.98
CA ALA A 407 21.80 15.76 -2.01
C ALA A 407 22.35 17.16 -1.77
N LYS A 408 22.07 18.08 -2.70
CA LYS A 408 22.52 19.48 -2.58
C LYS A 408 24.00 19.61 -2.24
N GLY A 409 24.84 18.91 -3.01
CA GLY A 409 26.28 19.00 -2.81
C GLY A 409 26.71 18.60 -1.42
N GLY A 410 26.04 17.60 -0.86
CA GLY A 410 26.41 17.06 0.44
C GLY A 410 25.77 17.76 1.63
N LYS A 411 24.97 18.78 1.36
CA LYS A 411 24.39 19.60 2.44
C LYS A 411 23.11 19.00 2.97
N ILE A 412 22.61 17.97 2.30
CA ILE A 412 21.45 17.22 2.78
C ILE A 412 21.83 15.75 2.83
N SER A 413 21.46 15.07 3.92
CA SER A 413 21.58 13.61 4.00
C SER A 413 20.31 12.95 3.51
N ALA A 414 20.44 11.96 2.64
CA ALA A 414 19.26 11.22 2.19
C ALA A 414 18.81 10.20 3.24
N ILE A 415 19.63 9.97 4.26
CA ILE A 415 19.23 9.16 5.40
C ILE A 415 19.13 10.07 6.62
N VAL A 416 17.95 10.12 7.23
CA VAL A 416 17.67 11.08 8.31
C VAL A 416 17.11 10.39 9.55
N PRO A 417 17.12 11.06 10.70
CA PRO A 417 16.54 10.41 11.90
C PRO A 417 15.07 10.04 11.73
N MET A 418 14.29 10.96 11.18
CA MET A 418 12.90 10.72 10.90
C MET A 418 12.59 11.41 9.59
N ALA A 419 11.86 10.72 8.69
CA ALA A 419 11.46 11.34 7.44
C ALA A 419 10.46 12.45 7.74
N ALA A 420 10.58 13.56 7.03
CA ALA A 420 9.67 14.69 7.28
C ALA A 420 8.26 14.43 6.72
N HIS A 421 8.14 13.46 5.84
CA HIS A 421 6.87 13.01 5.29
C HIS A 421 7.04 11.55 4.90
N VAL A 422 6.00 10.72 5.03
CA VAL A 422 6.13 9.32 4.64
C VAL A 422 5.22 8.99 3.47
N ASP A 423 5.81 8.41 2.42
CA ASP A 423 5.02 7.82 1.34
C ASP A 423 5.01 6.31 1.40
N HIS A 424 6.14 5.71 1.81
CA HIS A 424 6.22 4.24 1.86
C HIS A 424 6.68 3.81 3.24
N ILE A 425 5.80 3.07 3.89
CA ILE A 425 6.10 2.62 5.24
C ILE A 425 7.14 1.49 5.20
N MET A 426 7.72 1.18 6.37
CA MET A 426 8.76 0.14 6.47
C MET A 426 8.36 -1.16 5.79
N GLN A 427 7.10 -1.54 5.97
CA GLN A 427 6.58 -2.78 5.42
C GLN A 427 6.64 -2.85 3.90
N ASP A 428 6.82 -1.70 3.26
CA ASP A 428 6.80 -1.58 1.79
C ASP A 428 8.19 -1.38 1.19
N ALA A 429 9.23 -1.56 1.99
CA ALA A 429 10.60 -1.32 1.51
C ALA A 429 11.55 -2.35 2.09
N GLN A 430 12.14 -3.18 1.23
CA GLN A 430 13.00 -4.26 1.74
C GLN A 430 14.47 -4.05 1.48
N ILE A 431 14.80 -3.36 0.39
CA ILE A 431 16.20 -3.19 -0.02
C ILE A 431 16.48 -1.71 -0.28
N PHE A 432 17.56 -1.18 0.31
CA PHE A 432 17.99 0.19 0.02
C PHE A 432 19.37 0.18 -0.58
N VAL A 433 19.58 1.00 -1.60
CA VAL A 433 20.90 1.08 -2.27
C VAL A 433 21.31 2.53 -2.44
N THR A 434 22.50 2.85 -1.94
CA THR A 434 23.13 4.14 -2.24
C THR A 434 24.52 3.86 -2.80
N GLU A 435 25.28 4.91 -3.11
CA GLU A 435 26.63 4.69 -3.60
C GLU A 435 27.56 4.19 -2.49
N GLN A 436 27.06 4.18 -1.24
CA GLN A 436 27.81 3.69 -0.09
C GLN A 436 27.68 2.18 0.11
N GLY A 437 26.61 1.59 -0.43
CA GLY A 437 26.35 0.18 -0.24
C GLY A 437 24.88 -0.17 -0.30
N LEU A 438 24.60 -1.44 -0.02
CA LEU A 438 23.25 -1.99 -0.12
C LEU A 438 22.81 -2.57 1.21
N ALA A 439 21.64 -2.12 1.68
CA ALA A 439 21.04 -2.66 2.90
C ALA A 439 19.91 -3.65 2.57
N ASP A 440 20.14 -4.91 2.91
CA ASP A 440 19.11 -5.96 2.75
C ASP A 440 18.36 -6.08 4.09
N LEU A 441 17.11 -5.63 4.12
CA LEU A 441 16.37 -5.54 5.38
C LEU A 441 15.44 -6.70 5.63
N ARG A 442 15.46 -7.71 4.77
CA ARG A 442 14.52 -8.82 4.92
C ARG A 442 14.66 -9.52 6.27
N GLY A 443 13.54 -9.74 6.94
CA GLY A 443 13.54 -10.44 8.22
C GLY A 443 13.90 -9.62 9.44
N LEU A 444 14.11 -8.32 9.26
CA LEU A 444 14.60 -7.46 10.34
C LEU A 444 13.55 -6.61 11.04
N SER A 445 13.72 -6.44 12.34
CA SER A 445 12.94 -5.46 13.12
C SER A 445 13.40 -4.03 12.83
N PRO A 446 12.64 -3.03 13.28
CA PRO A 446 13.08 -1.66 13.00
C PRO A 446 14.50 -1.32 13.52
N VAL A 447 14.85 -1.71 14.74
CA VAL A 447 16.19 -1.40 15.24
CA VAL A 447 16.20 -1.38 15.21
C VAL A 447 17.25 -2.12 14.39
N GLN A 448 16.94 -3.34 13.94
CA GLN A 448 17.87 -4.05 13.06
C GLN A 448 17.96 -3.38 11.69
N ARG A 449 16.83 -2.85 11.21
CA ARG A 449 16.82 -2.11 9.94
C ARG A 449 17.73 -0.89 10.06
N ALA A 450 17.65 -0.20 11.19
CA ALA A 450 18.47 0.99 11.40
C ALA A 450 19.95 0.64 11.41
N ARG A 451 20.33 -0.46 12.04
CA ARG A 451 21.75 -0.81 12.04
C ARG A 451 22.25 -1.08 10.61
N GLU A 452 21.41 -1.70 9.78
CA GLU A 452 21.79 -1.97 8.40
C GLU A 452 21.84 -0.72 7.54
N ILE A 453 20.80 0.12 7.64
CA ILE A 453 20.75 1.33 6.83
C ILE A 453 21.90 2.29 7.20
N ILE A 454 22.14 2.46 8.50
CA ILE A 454 23.20 3.38 8.92
C ILE A 454 24.57 2.86 8.46
N SER A 455 24.81 1.57 8.64
CA SER A 455 26.12 1.04 8.29
C SER A 455 26.37 0.91 6.79
N LYS A 456 25.33 0.59 6.01
CA LYS A 456 25.54 0.28 4.59
C LYS A 456 25.24 1.44 3.66
N CYS A 457 24.26 2.27 4.01
CA CYS A 457 23.73 3.26 3.06
C CYS A 457 24.10 4.70 3.37
N ALA A 458 24.24 5.03 4.65
CA ALA A 458 24.47 6.44 5.01
C ALA A 458 25.87 6.92 4.57
N HIS A 459 25.97 8.19 4.25
CA HIS A 459 27.24 8.80 3.89
C HIS A 459 28.14 8.94 5.13
N PRO A 460 29.45 8.73 4.97
CA PRO A 460 30.41 8.90 6.09
C PRO A 460 30.30 10.22 6.83
N ASP A 461 29.92 11.29 6.13
CA ASP A 461 29.74 12.60 6.76
C ASP A 461 28.58 12.63 7.76
N TYR A 462 27.61 11.76 7.58
CA TYR A 462 26.41 11.78 8.41
C TYR A 462 26.23 10.58 9.32
N ARG A 463 26.97 9.50 9.06
CA ARG A 463 26.78 8.27 9.83
C ARG A 463 26.99 8.46 11.34
N PRO A 464 28.07 9.17 11.76
CA PRO A 464 28.23 9.35 13.22
C PRO A 464 27.07 10.13 13.85
N MET A 465 26.51 11.12 13.15
CA MET A 465 25.34 11.84 13.65
C MET A 465 24.13 10.93 13.75
N LEU A 466 23.94 10.07 12.75
CA LEU A 466 22.82 9.14 12.78
C LEU A 466 22.97 8.13 13.91
N GLN A 467 24.19 7.63 14.07
CA GLN A 467 24.49 6.66 15.12
C GLN A 467 24.25 7.27 16.48
N ASP A 468 24.62 8.54 16.64
CA ASP A 468 24.43 9.25 17.90
C ASP A 468 22.95 9.41 18.23
N TYR A 469 22.17 9.79 17.23
CA TYR A 469 20.73 9.91 17.43
C TYR A 469 20.15 8.57 17.87
N PHE A 470 20.48 7.53 17.12
CA PHE A 470 19.97 6.19 17.41
C PHE A 470 20.39 5.72 18.79
N ASP A 471 21.68 5.88 19.11
CA ASP A 471 22.19 5.46 20.41
C ASP A 471 21.44 6.15 21.55
N ARG A 472 21.26 7.46 21.44
CA ARG A 472 20.61 8.21 22.51
C ARG A 472 19.12 7.90 22.55
N ALA A 473 18.51 7.69 21.38
CA ALA A 473 17.11 7.28 21.32
C ALA A 473 16.91 5.93 22.02
N LEU A 474 17.80 4.99 21.78
CA LEU A 474 17.68 3.69 22.42
CA LEU A 474 17.70 3.69 22.42
C LEU A 474 17.70 3.80 23.95
N LYS A 475 18.40 4.79 24.47
CA LYS A 475 18.46 4.98 25.91
C LYS A 475 17.29 5.77 26.48
N ASN A 476 16.66 6.62 25.65
CA ASN A 476 15.71 7.58 26.19
C ASN A 476 14.31 7.61 25.60
N SER A 477 14.12 6.91 24.48
CA SER A 477 12.83 6.93 23.80
C SER A 477 11.69 6.39 24.67
N PHE A 478 10.49 6.92 24.43
CA PHE A 478 9.29 6.53 25.17
C PHE A 478 9.12 5.01 25.16
N GLY A 479 9.17 4.43 23.96
CA GLY A 479 9.29 2.99 23.80
C GLY A 479 10.57 2.63 23.06
N LYS A 480 11.01 1.39 23.15
CA LYS A 480 12.27 1.01 22.51
C LYS A 480 12.07 0.17 21.24
N HIS A 481 10.82 0.00 20.80
CA HIS A 481 10.60 -0.76 19.56
C HIS A 481 11.00 0.04 18.30
N THR A 482 10.66 1.31 18.24
CA THR A 482 11.11 2.18 17.18
CA THR A 482 11.13 2.20 17.17
C THR A 482 11.64 3.48 17.82
N PRO A 483 12.85 3.41 18.39
CA PRO A 483 13.34 4.53 19.22
C PRO A 483 13.45 5.88 18.51
N HIS A 484 12.92 6.92 19.17
CA HIS A 484 13.01 8.28 18.68
C HIS A 484 13.23 9.23 19.83
N LEU A 485 13.81 10.38 19.49
CA LEU A 485 13.91 11.52 20.40
C LEU A 485 13.08 12.60 19.76
N LEU A 486 11.88 12.86 20.26
CA LEU A 486 10.96 13.72 19.51
C LEU A 486 11.41 15.16 19.49
N THR A 487 12.25 15.53 20.46
CA THR A 487 12.81 16.88 20.51
C THR A 487 13.78 17.17 19.38
N GLU A 488 14.37 16.13 18.79
CA GLU A 488 15.27 16.40 17.68
C GLU A 488 15.04 15.59 16.42
N ALA A 489 13.99 14.77 16.38
CA ALA A 489 13.71 13.92 15.22
C ALA A 489 13.69 14.70 13.90
N LEU A 490 13.08 15.89 13.91
CA LEU A 490 12.96 16.70 12.70
C LEU A 490 13.95 17.87 12.68
N SER A 491 14.92 17.83 13.60
CA SER A 491 15.83 18.97 13.77
C SER A 491 16.83 19.11 12.62
N TRP A 492 17.12 18.04 11.90
CA TRP A 492 18.06 18.17 10.78
C TRP A 492 17.40 18.95 9.65
N HIS A 493 16.11 18.69 9.45
CA HIS A 493 15.33 19.41 8.46
C HIS A 493 15.23 20.87 8.82
N GLN A 494 14.98 21.16 10.11
CA GLN A 494 14.90 22.56 10.51
C GLN A 494 16.26 23.24 10.38
N ARG A 495 17.33 22.50 10.67
CA ARG A 495 18.67 23.03 10.49
C ARG A 495 18.89 23.40 9.02
N PHE A 496 18.43 22.55 8.10
CA PHE A 496 18.56 22.87 6.69
C PHE A 496 17.77 24.14 6.33
N ILE A 497 16.54 24.26 6.85
CA ILE A 497 15.70 25.40 6.52
C ILE A 497 16.39 26.68 7.00
N ASP A 498 17.00 26.60 8.17
CA ASP A 498 17.58 27.76 8.82
C ASP A 498 18.95 28.16 8.26
N THR A 499 19.76 27.18 7.87
CA THR A 499 21.18 27.40 7.58
C THR A 499 21.65 26.87 6.24
N GLY A 500 20.76 26.15 5.54
CA GLY A 500 21.11 25.58 4.25
C GLY A 500 21.98 24.33 4.30
N THR A 501 22.16 23.76 5.49
CA THR A 501 22.90 22.51 5.59
C THR A 501 22.44 21.69 6.77
N MET A 502 22.52 20.38 6.63
CA MET A 502 22.24 19.47 7.74
C MET A 502 23.47 19.20 8.57
N LEU A 503 24.62 19.66 8.08
CA LEU A 503 25.88 19.48 8.79
C LEU A 503 25.98 20.51 9.92
N PRO A 504 26.30 20.05 11.12
CA PRO A 504 26.35 20.94 12.28
C PRO A 504 27.63 21.77 12.28
N SER A 505 27.57 22.99 12.81
CA SER A 505 28.77 23.79 12.96
C SER A 505 29.45 23.50 14.32
N SER A 506 30.77 23.54 14.34
CA SER A 506 31.54 23.24 15.55
C SER A 506 31.41 24.32 16.63
N LEU A 507 30.62 25.36 16.34
CA LEU A 507 30.43 26.46 17.26
C LEU A 507 29.51 26.07 18.42
N GLU A 508 28.78 24.97 18.25
CA GLU A 508 27.88 24.47 19.29
C GLU A 508 28.15 22.98 19.55
N HIS A 509 27.58 22.44 20.63
CA HIS A 509 27.81 21.04 20.96
C HIS A 509 26.99 20.10 20.07
N HIS A 510 27.61 18.98 19.72
CA HIS A 510 26.95 17.89 19.04
C HIS A 510 27.54 16.59 19.57
N HIS A 511 26.67 15.64 19.93
CA HIS A 511 27.09 14.49 20.72
C HIS A 511 28.02 13.53 19.98
N HIS A 512 28.09 13.65 18.65
CA HIS A 512 28.89 12.74 17.83
C HIS A 512 30.33 13.20 17.65
N HIS A 513 30.61 14.46 18.00
CA HIS A 513 31.98 14.97 17.98
C HIS A 513 32.75 14.44 19.18
N HIS A 514 32.03 13.81 20.10
CA HIS A 514 32.60 13.40 21.38
C HIS A 514 32.23 11.96 21.74
N THR B 2 -16.18 -39.10 20.09
CA THR B 2 -15.72 -39.71 18.85
C THR B 2 -14.23 -39.38 18.62
N GLU B 3 -13.46 -40.42 18.29
CA GLU B 3 -12.01 -40.28 18.09
C GLU B 3 -11.68 -39.19 17.09
N ARG B 4 -10.84 -38.23 17.49
CA ARG B 4 -10.54 -37.08 16.63
C ARG B 4 -9.51 -37.40 15.57
N ILE B 5 -8.67 -38.40 15.83
CA ILE B 5 -7.68 -38.82 14.84
C ILE B 5 -8.22 -40.02 14.07
N ARG B 6 -8.84 -39.75 12.92
CA ARG B 6 -9.60 -40.78 12.20
C ARG B 6 -8.70 -41.58 11.27
N ASN B 7 -7.52 -41.06 10.99
CA ASN B 7 -6.49 -41.83 10.31
C ASN B 7 -5.82 -42.76 11.31
N VAL B 8 -6.06 -44.06 11.18
CA VAL B 8 -5.61 -45.01 12.19
C VAL B 8 -4.09 -44.99 12.31
N ALA B 9 -3.42 -44.92 11.17
CA ALA B 9 -1.96 -44.97 11.13
C ALA B 9 -1.32 -43.80 11.86
N LEU B 10 -1.94 -42.63 11.78
CA LEU B 10 -1.36 -41.43 12.38
C LEU B 10 -1.48 -41.44 13.91
N ARG B 11 -2.30 -42.34 14.44
CA ARG B 11 -2.44 -42.44 15.90
C ARG B 11 -1.13 -42.89 16.56
N SER B 12 -0.26 -43.52 15.77
CA SER B 12 1.00 -44.04 16.29
CA SER B 12 1.00 -44.03 16.31
C SER B 12 2.02 -42.92 16.54
N LYS B 13 1.68 -41.70 16.09
CA LYS B 13 2.57 -40.57 16.25
C LYS B 13 2.21 -39.71 17.47
N VAL B 14 1.20 -40.15 18.23
CA VAL B 14 0.78 -39.39 19.41
C VAL B 14 1.86 -39.42 20.50
N PRO B 16 3.69 -37.09 24.20
CA PRO B 16 3.52 -36.00 25.17
C PRO B 16 3.98 -34.65 24.67
N ALA B 17 3.35 -33.58 25.15
CA ALA B 17 3.70 -32.24 24.75
C ALA B 17 5.16 -31.91 25.10
N GLU B 18 5.63 -32.38 26.26
CA GLU B 18 7.03 -32.15 26.64
C GLU B 18 7.99 -32.80 25.66
N THR B 19 7.73 -34.05 25.30
CA THR B 19 8.56 -34.76 24.33
C THR B 19 8.48 -34.05 22.99
N ALA B 20 7.28 -33.63 22.59
CA ALA B 20 7.16 -32.90 21.34
C ALA B 20 7.97 -31.60 21.36
N SER B 21 7.99 -30.90 22.49
CA SER B 21 8.70 -29.62 22.53
C SER B 21 10.21 -29.81 22.33
N GLU B 22 10.69 -31.01 22.61
CA GLU B 22 12.12 -31.29 22.46
C GLU B 22 12.53 -31.31 20.99
N LEU B 23 11.56 -31.41 20.09
CA LEU B 23 11.83 -31.28 18.66
C LEU B 23 12.30 -29.89 18.25
N ILE B 24 11.95 -28.89 19.07
CA ILE B 24 12.23 -27.49 18.78
C ILE B 24 13.57 -27.09 19.39
N LYS B 25 14.48 -26.64 18.54
CA LYS B 25 15.86 -26.39 18.96
C LYS B 25 16.15 -24.90 19.04
N HIS B 26 17.11 -24.52 19.87
CA HIS B 26 17.57 -23.13 19.89
C HIS B 26 17.87 -22.67 18.47
N GLY B 27 17.36 -21.49 18.12
CA GLY B 27 17.55 -20.89 16.81
C GLY B 27 16.47 -21.21 15.79
N ASP B 28 15.57 -22.13 16.14
CA ASP B 28 14.57 -22.59 15.19
C ASP B 28 13.59 -21.51 14.79
N VAL B 29 13.11 -21.61 13.55
CA VAL B 29 12.02 -20.78 13.08
C VAL B 29 10.78 -21.63 13.13
N VAL B 30 9.81 -21.15 13.90
CA VAL B 30 8.60 -21.88 14.19
C VAL B 30 7.40 -21.14 13.63
N GLY B 31 6.66 -21.80 12.74
CA GLY B 31 5.42 -21.23 12.22
C GLY B 31 4.24 -21.84 12.94
N THR B 32 3.35 -21.02 13.48
CA THR B 32 2.20 -21.57 14.20
C THR B 32 0.83 -21.10 13.70
N SER B 33 -0.19 -21.90 13.99
CA SER B 33 -1.56 -21.42 13.86
C SER B 33 -1.86 -20.33 14.89
N GLY B 34 -2.96 -19.61 14.69
CA GLY B 34 -3.38 -18.58 15.64
C GLY B 34 -3.63 -17.25 14.96
N PHE B 35 -4.81 -16.68 15.19
CA PHE B 35 -5.26 -15.45 14.58
C PHE B 35 -6.34 -14.91 15.50
N THR B 36 -6.29 -13.61 15.84
CA THR B 36 -7.19 -12.99 16.82
C THR B 36 -7.57 -13.87 18.02
N GLY B 37 -6.56 -14.43 18.68
CA GLY B 37 -6.75 -15.17 19.91
C GLY B 37 -7.43 -16.52 19.73
N ALA B 38 -7.37 -17.03 18.50
CA ALA B 38 -8.13 -18.22 18.18
C ALA B 38 -7.28 -19.21 17.40
N GLY B 39 -7.23 -20.43 17.90
CA GLY B 39 -6.67 -21.53 17.14
C GLY B 39 -5.16 -21.66 17.15
N TYR B 40 -4.52 -20.97 18.09
CA TYR B 40 -3.09 -21.13 18.32
C TYR B 40 -2.79 -22.37 19.15
N PRO B 41 -1.59 -22.95 18.98
CA PRO B 41 -1.20 -24.09 19.83
C PRO B 41 -1.00 -23.67 21.29
N LYS B 42 -1.25 -24.59 22.21
CA LYS B 42 -1.33 -24.23 23.62
C LYS B 42 -0.41 -25.05 24.54
N GLU B 43 -0.37 -26.37 24.37
CA GLU B 43 0.36 -27.17 25.33
C GLU B 43 1.83 -27.30 24.99
N VAL B 44 2.16 -27.43 23.71
CA VAL B 44 3.58 -27.52 23.37
C VAL B 44 4.35 -26.21 23.68
N PRO B 45 3.75 -25.02 23.41
CA PRO B 45 4.48 -23.81 23.79
C PRO B 45 4.70 -23.70 25.31
N LYS B 46 3.75 -24.13 26.11
CA LYS B 46 3.93 -24.14 27.56
C LYS B 46 5.10 -25.01 28.00
N ALA B 47 5.18 -26.22 27.43
CA ALA B 47 6.25 -27.15 27.78
C ALA B 47 7.60 -26.61 27.31
N LEU B 48 7.60 -26.02 26.11
CA LEU B 48 8.80 -25.39 25.56
C LEU B 48 9.29 -24.26 26.49
N ALA B 49 8.37 -23.41 26.92
CA ALA B 49 8.72 -22.28 27.77
C ALA B 49 9.39 -22.71 29.07
N GLN B 50 8.89 -23.79 29.67
CA GLN B 50 9.46 -24.31 30.90
C GLN B 50 10.87 -24.81 30.67
N ARG B 51 11.08 -25.47 29.52
CA ARG B 51 12.40 -26.00 29.22
C ARG B 51 13.37 -24.88 28.87
N MET B 52 12.85 -23.82 28.25
CA MET B 52 13.67 -22.65 27.96
C MET B 52 14.18 -22.00 29.23
N GLU B 53 13.29 -21.82 30.20
CA GLU B 53 13.68 -21.19 31.46
C GLU B 53 14.76 -21.99 32.17
N ALA B 54 14.59 -23.31 32.17
CA ALA B 54 15.57 -24.18 32.83
C ALA B 54 16.91 -24.08 32.11
N ALA B 55 16.87 -24.04 30.78
CA ALA B 55 18.08 -23.95 29.98
C ALA B 55 18.81 -22.64 30.28
N HIS B 56 18.06 -21.55 30.32
CA HIS B 56 18.66 -20.24 30.59
C HIS B 56 19.33 -20.22 31.95
N ASP B 57 18.68 -20.85 32.92
CA ASP B 57 19.23 -20.93 34.27
C ASP B 57 20.56 -21.68 34.32
N ARG B 58 20.72 -22.67 33.42
CA ARG B 58 21.97 -23.44 33.34
C ARG B 58 23.01 -22.71 32.50
N GLY B 59 22.61 -21.59 31.89
CA GLY B 59 23.51 -20.81 31.05
C GLY B 59 23.50 -21.25 29.60
N GLU B 60 22.41 -21.91 29.21
CA GLU B 60 22.22 -22.36 27.82
C GLU B 60 21.31 -21.40 27.06
N LYS B 61 21.73 -20.98 25.86
CA LYS B 61 20.84 -20.18 25.02
C LYS B 61 19.71 -21.05 24.50
N TYR B 62 18.50 -20.49 24.47
CA TYR B 62 17.36 -21.22 23.98
C TYR B 62 16.26 -20.21 23.58
N GLN B 63 16.24 -19.81 22.30
CA GLN B 63 15.24 -18.89 21.79
C GLN B 63 14.83 -19.34 20.41
N ILE B 64 13.61 -18.97 20.01
CA ILE B 64 13.11 -19.27 18.67
C ILE B 64 12.63 -18.01 17.98
N SER B 65 12.45 -18.11 16.67
CA SER B 65 11.70 -17.12 15.93
CA SER B 65 11.70 -17.12 15.91
C SER B 65 10.27 -17.63 15.85
N LEU B 66 9.31 -16.78 16.17
CA LEU B 66 7.90 -17.18 16.20
C LEU B 66 7.10 -16.42 15.15
N ILE B 67 6.64 -17.15 14.13
CA ILE B 67 5.82 -16.58 13.06
C ILE B 67 4.42 -17.16 13.15
N THR B 68 3.40 -16.30 13.15
CA THR B 68 2.05 -16.75 13.39
C THR B 68 1.14 -16.32 12.23
N GLY B 69 -0.16 -16.54 12.41
CA GLY B 69 -1.16 -15.94 11.54
C GLY B 69 -1.31 -14.48 11.97
N ALA B 70 -1.77 -14.30 13.18
CA ALA B 70 -1.76 -12.99 13.81
C ALA B 70 -1.66 -13.20 15.32
N SER B 71 -2.56 -12.61 16.11
CA SER B 71 -2.38 -12.66 17.56
C SER B 71 -2.69 -14.05 18.13
N THR B 72 -2.12 -14.36 19.30
CA THR B 72 -2.32 -15.69 19.89
C THR B 72 -2.94 -15.55 21.30
N GLY B 73 -2.26 -16.00 22.35
CA GLY B 73 -2.82 -15.95 23.69
C GLY B 73 -1.77 -16.21 24.75
N PRO B 74 -2.20 -16.27 26.02
CA PRO B 74 -1.22 -16.41 27.10
C PRO B 74 -0.42 -17.70 27.05
N GLN B 75 -0.98 -18.78 26.49
CA GLN B 75 -0.28 -20.06 26.44
C GLN B 75 0.89 -20.07 25.48
N LEU B 76 0.89 -19.14 24.52
CA LEU B 76 1.89 -19.11 23.47
C LEU B 76 2.73 -17.85 23.61
N ASP B 77 2.22 -16.72 23.13
CA ASP B 77 2.95 -15.46 23.29
C ASP B 77 3.28 -15.16 24.75
N GLY B 78 2.31 -15.39 25.65
CA GLY B 78 2.52 -15.14 27.08
C GLY B 78 3.61 -15.96 27.75
N GLU B 79 3.47 -17.28 27.68
CA GLU B 79 4.44 -18.19 28.27
C GLU B 79 5.84 -18.02 27.67
N LEU B 80 5.93 -17.90 26.35
CA LEU B 80 7.24 -17.77 25.72
C LEU B 80 7.91 -16.44 26.06
N ALA B 81 7.11 -15.38 26.17
CA ALA B 81 7.64 -14.07 26.57
C ALA B 81 8.12 -14.09 28.02
N LYS B 82 7.34 -14.73 28.89
CA LYS B 82 7.74 -14.86 30.28
C LYS B 82 9.09 -15.58 30.39
N ALA B 83 9.29 -16.58 29.52
CA ALA B 83 10.52 -17.35 29.49
C ALA B 83 11.67 -16.65 28.78
N ASN B 84 11.43 -15.46 28.23
CA ASN B 84 12.42 -14.77 27.40
C ASN B 84 12.87 -15.70 26.27
N GLY B 85 11.93 -16.39 25.66
CA GLY B 85 12.28 -17.42 24.67
C GLY B 85 12.10 -17.09 23.20
N VAL B 86 11.81 -15.83 22.88
CA VAL B 86 11.53 -15.46 21.49
C VAL B 86 12.49 -14.37 21.03
N TYR B 87 13.34 -14.70 20.07
CA TYR B 87 14.28 -13.67 19.63
CA TYR B 87 14.32 -13.78 19.50
C TYR B 87 13.65 -12.80 18.55
N PHE B 88 12.72 -13.34 17.75
CA PHE B 88 12.04 -12.58 16.71
C PHE B 88 10.58 -13.01 16.62
N ARG B 89 9.70 -12.05 16.40
CA ARG B 89 8.25 -12.29 16.39
C ARG B 89 7.63 -11.58 15.19
N SER B 90 6.70 -12.24 14.49
CA SER B 90 5.98 -11.61 13.39
C SER B 90 4.70 -12.40 13.17
N PRO B 91 3.60 -11.76 12.72
CA PRO B 91 3.46 -10.37 12.30
C PRO B 91 2.59 -9.52 13.20
N PHE B 92 2.00 -10.10 14.26
CA PHE B 92 0.96 -9.38 15.00
C PHE B 92 0.78 -10.01 16.35
N ASN B 93 0.94 -9.19 17.38
CA ASN B 93 0.85 -9.63 18.77
C ASN B 93 -0.09 -8.75 19.57
N THR B 94 -0.83 -9.34 20.50
CA THR B 94 -1.61 -8.53 21.44
C THR B 94 -1.40 -8.95 22.89
N ASP B 95 -0.45 -9.86 23.13
CA ASP B 95 -0.22 -10.31 24.49
C ASP B 95 0.62 -9.27 25.24
N ALA B 96 0.26 -8.99 26.49
CA ALA B 96 0.89 -7.89 27.23
C ALA B 96 2.34 -8.20 27.58
N THR B 97 2.62 -9.46 27.93
CA THR B 97 3.98 -9.85 28.28
C THR B 97 4.90 -9.77 27.07
N MET B 98 4.42 -10.24 25.92
CA MET B 98 5.19 -10.18 24.69
C MET B 98 5.35 -8.72 24.25
N ARG B 99 4.28 -7.93 24.39
CA ARG B 99 4.37 -6.52 24.04
C ARG B 99 5.46 -5.85 24.90
N ASN B 100 5.52 -6.21 26.18
CA ASN B 100 6.56 -5.63 27.02
C ASN B 100 7.96 -6.05 26.57
N ARG B 101 8.14 -7.30 26.15
CA ARG B 101 9.42 -7.73 25.61
C ARG B 101 9.77 -6.93 24.36
N ILE B 102 8.77 -6.69 23.51
CA ILE B 102 8.99 -5.97 22.27
C ILE B 102 9.39 -4.53 22.58
N ASN B 103 8.71 -3.90 23.53
CA ASN B 103 8.99 -2.50 23.78
C ASN B 103 10.22 -2.27 24.66
N ALA B 104 10.77 -3.36 25.23
CA ALA B 104 12.03 -3.31 25.96
C ALA B 104 13.21 -3.61 25.05
N GLY B 105 12.92 -4.02 23.82
CA GLY B 105 13.94 -4.41 22.87
C GLY B 105 14.48 -5.81 23.10
N GLU B 106 13.74 -6.61 23.85
CA GLU B 106 14.19 -7.95 24.20
C GLU B 106 13.73 -8.98 23.15
N THR B 107 12.64 -8.68 22.47
CA THR B 107 12.19 -9.51 21.35
C THR B 107 12.12 -8.61 20.12
N GLU B 108 12.76 -9.04 19.04
CA GLU B 108 12.69 -8.28 17.79
C GLU B 108 11.34 -8.54 17.12
N TYR B 109 10.74 -7.48 16.57
CA TYR B 109 9.38 -7.58 16.05
C TYR B 109 9.24 -6.88 14.72
N PHE B 110 8.51 -7.48 13.78
CA PHE B 110 8.17 -6.74 12.57
C PHE B 110 6.72 -7.05 12.19
N ASP B 111 5.90 -6.01 12.16
CA ASP B 111 4.49 -6.20 11.89
C ASP B 111 4.16 -6.09 10.38
N ASN B 112 4.35 -7.20 9.68
CA ASN B 112 4.01 -7.29 8.26
C ASN B 112 2.53 -7.14 7.97
N HIS B 113 2.20 -6.61 6.80
CA HIS B 113 0.83 -6.73 6.29
C HIS B 113 0.39 -8.18 6.38
N LEU B 114 -0.75 -8.45 7.00
CA LEU B 114 -1.12 -9.85 7.26
C LEU B 114 -1.28 -10.68 5.98
N GLY B 115 -1.77 -10.07 4.90
CA GLY B 115 -1.96 -10.78 3.64
C GLY B 115 -0.67 -11.14 2.91
N GLN B 116 0.44 -10.56 3.36
CA GLN B 116 1.73 -10.76 2.72
C GLN B 116 2.62 -11.78 3.41
N VAL B 117 2.27 -12.13 4.65
CA VAL B 117 3.17 -12.96 5.46
C VAL B 117 3.47 -14.30 4.81
N ALA B 118 2.45 -14.96 4.28
CA ALA B 118 2.67 -16.26 3.65
C ALA B 118 3.67 -16.16 2.49
N GLY B 119 3.50 -15.16 1.64
CA GLY B 119 4.39 -14.97 0.51
C GLY B 119 5.82 -14.68 0.95
N ARG B 120 5.97 -13.87 2.00
CA ARG B 120 7.32 -13.57 2.46
C ARG B 120 7.95 -14.80 3.12
N ALA B 121 7.11 -15.60 3.77
CA ALA B 121 7.60 -16.85 4.36
C ALA B 121 8.14 -17.76 3.27
N VAL B 122 7.40 -17.89 2.17
CA VAL B 122 7.82 -18.75 1.08
C VAL B 122 9.08 -18.22 0.41
N GLN B 123 9.20 -16.90 0.32
CA GLN B 123 10.39 -16.26 -0.22
C GLN B 123 11.61 -16.48 0.63
N GLY B 124 11.40 -16.73 1.92
CA GLY B 124 12.50 -17.03 2.82
C GLY B 124 12.91 -15.89 3.73
N ASN B 125 12.08 -14.85 3.81
CA ASN B 125 12.40 -13.65 4.61
C ASN B 125 12.61 -13.94 6.08
N TYR B 126 11.91 -14.94 6.61
CA TYR B 126 12.05 -15.30 8.03
C TYR B 126 13.08 -16.41 8.22
N GLY B 127 13.65 -16.87 7.12
CA GLY B 127 14.57 -18.00 7.18
C GLY B 127 13.85 -19.31 6.90
N LYS B 128 14.59 -20.40 6.94
CA LYS B 128 14.00 -21.70 6.72
C LYS B 128 13.10 -22.08 7.89
N PHE B 129 11.90 -22.58 7.61
CA PHE B 129 11.02 -23.03 8.68
C PHE B 129 11.43 -24.41 9.18
N ASN B 130 11.76 -24.51 10.46
CA ASN B 130 12.16 -25.79 11.01
C ASN B 130 10.96 -26.58 11.50
N ILE B 131 9.97 -25.85 12.00
CA ILE B 131 8.82 -26.44 12.67
C ILE B 131 7.56 -25.72 12.25
N ALA B 132 6.50 -26.49 12.00
CA ALA B 132 5.15 -25.96 11.95
C ALA B 132 4.37 -26.59 13.09
N LEU B 133 3.73 -25.74 13.90
CA LEU B 133 3.02 -26.19 15.08
C LEU B 133 1.59 -25.69 14.93
N VAL B 134 0.69 -26.62 14.62
CA VAL B 134 -0.66 -26.25 14.18
C VAL B 134 -1.72 -26.97 14.99
N GLU B 135 -2.69 -26.20 15.48
CA GLU B 135 -3.80 -26.77 16.23
C GLU B 135 -4.88 -27.30 15.27
N ALA B 136 -5.42 -28.46 15.61
CA ALA B 136 -6.42 -29.11 14.78
C ALA B 136 -7.64 -29.52 15.58
N THR B 137 -8.80 -29.49 14.92
CA THR B 137 -10.02 -30.05 15.48
C THR B 137 -10.02 -31.57 15.32
N ALA B 138 -9.43 -32.02 14.21
CA ALA B 138 -9.50 -33.43 13.84
C ALA B 138 -8.49 -33.74 12.76
N ILE B 139 -8.22 -35.02 12.57
CA ILE B 139 -7.45 -35.48 11.44
C ILE B 139 -8.33 -36.47 10.69
N THR B 140 -8.55 -36.22 9.40
CA THR B 140 -9.49 -37.06 8.66
C THR B 140 -8.87 -38.40 8.28
N GLU B 141 -9.71 -39.30 7.78
CA GLU B 141 -9.27 -40.64 7.40
C GLU B 141 -8.15 -40.61 6.36
N ASP B 142 -8.15 -39.65 5.44
CA ASP B 142 -7.08 -39.59 4.46
C ASP B 142 -5.95 -38.66 4.90
N GLY B 143 -6.00 -38.24 6.16
CA GLY B 143 -4.89 -37.52 6.75
C GLY B 143 -4.94 -36.01 6.60
N GLY B 144 -6.10 -35.49 6.24
CA GLY B 144 -6.31 -34.05 6.20
C GLY B 144 -6.32 -33.48 7.61
N ILE B 145 -5.78 -32.28 7.75
CA ILE B 145 -5.79 -31.58 9.04
C ILE B 145 -6.95 -30.60 9.08
N VAL B 146 -7.93 -30.86 9.93
CA VAL B 146 -9.06 -29.93 10.05
C VAL B 146 -8.67 -28.79 11.00
N PRO B 147 -8.64 -27.53 10.51
CA PRO B 147 -8.28 -26.39 11.39
C PRO B 147 -9.29 -26.18 12.51
N THR B 148 -8.98 -25.26 13.42
CA THR B 148 -9.91 -24.99 14.52
C THR B 148 -10.60 -23.65 14.28
N SER B 149 -10.42 -22.69 15.18
CA SER B 149 -11.17 -21.44 15.09
C SER B 149 -10.56 -20.37 14.18
N SER B 150 -9.47 -20.70 13.49
CA SER B 150 -8.88 -19.79 12.51
C SER B 150 -8.16 -20.61 11.47
N VAL B 151 -7.89 -20.00 10.32
CA VAL B 151 -7.06 -20.65 9.31
C VAL B 151 -5.69 -19.99 9.28
N GLY B 152 -5.67 -18.66 9.17
CA GLY B 152 -4.41 -17.94 9.25
C GLY B 152 -3.46 -18.37 8.16
N ASN B 153 -2.20 -18.61 8.55
CA ASN B 153 -1.15 -19.01 7.62
C ASN B 153 -0.83 -20.51 7.68
N SER B 154 -1.68 -21.27 8.34
CA SER B 154 -1.33 -22.66 8.64
C SER B 154 -0.97 -23.52 7.43
N GLN B 155 -1.66 -23.32 6.31
CA GLN B 155 -1.36 -24.14 5.13
C GLN B 155 0.04 -23.85 4.60
N THR B 156 0.43 -22.58 4.62
CA THR B 156 1.77 -22.22 4.20
C THR B 156 2.84 -22.77 5.15
N PHE B 157 2.63 -22.66 6.45
CA PHE B 157 3.63 -23.16 7.40
C PHE B 157 3.80 -24.67 7.27
N LEU B 158 2.70 -25.38 7.04
CA LEU B 158 2.77 -26.83 6.82
C LEU B 158 3.57 -27.15 5.56
N ASN B 159 3.38 -26.36 4.51
CA ASN B 159 4.13 -26.58 3.27
C ASN B 159 5.64 -26.39 3.49
N LEU B 160 6.01 -25.37 4.24
CA LEU B 160 7.40 -24.94 4.37
C LEU B 160 8.23 -25.72 5.39
N ALA B 161 7.60 -26.15 6.48
CA ALA B 161 8.35 -26.62 7.63
C ALA B 161 8.99 -27.98 7.42
N GLU B 162 10.16 -28.18 8.02
CA GLU B 162 10.85 -29.46 7.92
C GLU B 162 10.11 -30.54 8.71
N LYS B 163 9.68 -30.17 9.91
CA LYS B 163 8.93 -31.08 10.75
C LYS B 163 7.65 -30.42 11.19
N VAL B 164 6.62 -31.23 11.36
CA VAL B 164 5.29 -30.75 11.72
C VAL B 164 4.84 -31.36 13.05
N ILE B 165 4.32 -30.49 13.93
CA ILE B 165 3.70 -30.93 15.18
C ILE B 165 2.24 -30.50 15.16
N ILE B 166 1.33 -31.44 15.33
CA ILE B 166 -0.10 -31.12 15.38
C ILE B 166 -0.62 -31.26 16.79
N GLU B 167 -1.33 -30.23 17.28
CA GLU B 167 -2.05 -30.33 18.53
C GLU B 167 -3.52 -30.58 18.21
N VAL B 168 -4.03 -31.76 18.58
CA VAL B 168 -5.44 -32.05 18.37
C VAL B 168 -6.19 -31.73 19.65
N ASN B 169 -6.99 -30.66 19.60
CA ASN B 169 -7.58 -30.07 20.80
C ASN B 169 -9.05 -30.45 20.96
N GLU B 170 -9.34 -31.29 21.95
CA GLU B 170 -10.71 -31.75 22.15
C GLU B 170 -11.65 -30.64 22.61
N TRP B 171 -11.09 -29.52 23.07
CA TRP B 171 -11.92 -28.40 23.49
C TRP B 171 -12.65 -27.77 22.32
N GLN B 172 -12.03 -27.87 21.14
CA GLN B 172 -12.58 -27.27 19.93
C GLN B 172 -13.73 -28.10 19.39
N ASN B 173 -14.73 -27.40 18.86
CA ASN B 173 -15.96 -28.02 18.40
C ASN B 173 -15.73 -28.90 17.18
N PRO B 174 -16.07 -30.20 17.25
CA PRO B 174 -15.93 -31.06 16.07
C PRO B 174 -16.72 -30.56 14.86
N MET B 175 -17.80 -29.82 15.10
CA MET B 175 -18.65 -29.32 14.01
C MET B 175 -18.03 -28.15 13.23
N LEU B 176 -16.83 -27.72 13.61
CA LEU B 176 -16.08 -26.75 12.80
C LEU B 176 -15.70 -27.36 11.46
N GLU B 177 -15.56 -28.68 11.43
CA GLU B 177 -15.20 -29.36 10.20
C GLU B 177 -16.22 -29.06 9.11
N GLY B 178 -15.74 -28.44 8.04
CA GLY B 178 -16.62 -28.00 6.96
C GLY B 178 -16.64 -26.50 6.77
N ILE B 179 -16.29 -25.75 7.82
CA ILE B 179 -16.44 -24.30 7.75
C ILE B 179 -15.28 -23.67 6.98
N HIS B 180 -14.14 -24.35 6.90
CA HIS B 180 -12.96 -23.76 6.28
C HIS B 180 -12.94 -23.98 4.77
N ASP B 181 -12.26 -23.07 4.07
CA ASP B 181 -12.06 -23.21 2.63
C ASP B 181 -10.58 -22.97 2.36
N ILE B 182 -9.89 -24.06 2.02
CA ILE B 182 -8.44 -24.07 1.84
C ILE B 182 -8.17 -24.31 0.36
N TRP B 183 -7.53 -23.34 -0.30
CA TRP B 183 -7.35 -23.41 -1.75
C TRP B 183 -6.04 -24.09 -2.11
N ASP B 184 -6.12 -24.91 -3.15
CA ASP B 184 -4.98 -25.65 -3.66
C ASP B 184 -4.04 -24.77 -4.50
N GLY B 185 -4.54 -23.62 -4.93
CA GLY B 185 -3.81 -22.81 -5.89
C GLY B 185 -2.67 -21.96 -5.34
N ASN B 186 -1.94 -21.34 -6.27
CA ASN B 186 -0.77 -20.54 -5.96
C ASN B 186 -1.11 -19.08 -5.72
N VAL B 187 -1.33 -18.73 -4.45
CA VAL B 187 -1.62 -17.37 -4.02
C VAL B 187 -0.36 -16.68 -3.54
N SER B 188 0.49 -17.45 -2.87
CA SER B 188 1.62 -16.89 -2.15
C SER B 188 2.91 -17.63 -2.47
N GLY B 189 2.89 -18.40 -3.55
CA GLY B 189 4.06 -19.19 -3.92
C GLY B 189 4.94 -18.51 -4.93
N VAL B 190 5.72 -19.29 -5.66
CA VAL B 190 6.67 -18.73 -6.62
C VAL B 190 5.94 -18.12 -7.84
N PRO B 191 6.32 -16.91 -8.25
CA PRO B 191 5.71 -16.33 -9.45
C PRO B 191 6.04 -17.14 -10.69
N THR B 192 5.17 -17.14 -11.71
CA THR B 192 3.92 -16.37 -11.74
C THR B 192 2.83 -17.05 -10.94
N ARG B 193 2.13 -16.28 -10.10
CA ARG B 193 1.05 -16.85 -9.32
C ARG B 193 -0.21 -17.14 -10.15
N ASP B 194 -1.14 -17.86 -9.53
CA ASP B 194 -2.39 -18.19 -10.20
C ASP B 194 -3.40 -17.05 -10.08
N ILE B 195 -4.31 -16.99 -11.05
CA ILE B 195 -5.49 -16.15 -10.87
C ILE B 195 -6.34 -16.77 -9.77
N VAL B 196 -6.71 -15.96 -8.78
CA VAL B 196 -7.62 -16.39 -7.72
C VAL B 196 -9.04 -16.11 -8.19
N PRO B 197 -9.85 -17.16 -8.42
CA PRO B 197 -11.11 -16.99 -9.16
C PRO B 197 -12.30 -16.48 -8.33
N ILE B 198 -12.04 -15.96 -7.13
CA ILE B 198 -13.11 -15.45 -6.28
C ILE B 198 -13.72 -14.15 -6.81
N VAL B 199 -15.01 -14.19 -7.14
CA VAL B 199 -15.70 -12.99 -7.63
C VAL B 199 -16.95 -12.69 -6.82
N ARG B 200 -17.17 -13.45 -5.75
CA ARG B 200 -18.23 -13.19 -4.79
C ARG B 200 -17.75 -13.61 -3.40
N ALA B 201 -18.17 -12.89 -2.37
CA ALA B 201 -17.65 -13.14 -1.02
C ALA B 201 -18.04 -14.51 -0.46
N ASP B 202 -19.12 -15.11 -0.96
CA ASP B 202 -19.56 -16.43 -0.48
C ASP B 202 -19.05 -17.59 -1.34
N GLN B 203 -18.12 -17.32 -2.24
CA GLN B 203 -17.63 -18.35 -3.15
C GLN B 203 -16.57 -19.23 -2.50
N ARG B 204 -16.85 -20.52 -2.38
CA ARG B 204 -15.82 -21.46 -1.92
C ARG B 204 -15.03 -21.95 -3.13
N VAL B 205 -13.72 -21.97 -3.02
CA VAL B 205 -12.90 -22.41 -4.15
C VAL B 205 -11.99 -23.59 -3.80
N GLY B 206 -12.10 -24.09 -2.57
CA GLY B 206 -11.18 -25.10 -2.12
C GLY B 206 -11.87 -26.20 -1.34
N GLY B 207 -11.17 -26.75 -0.34
CA GLY B 207 -11.67 -27.88 0.41
C GLY B 207 -11.57 -27.61 1.89
N PRO B 208 -12.01 -28.57 2.71
CA PRO B 208 -12.16 -28.32 4.15
C PRO B 208 -10.92 -28.61 5.01
N VAL B 209 -9.83 -29.08 4.41
CA VAL B 209 -8.70 -29.50 5.22
C VAL B 209 -7.38 -28.89 4.76
N LEU B 210 -6.50 -28.68 5.73
CA LEU B 210 -5.10 -28.45 5.44
C LEU B 210 -4.46 -29.75 4.98
N ARG B 211 -3.61 -29.65 3.98
CA ARG B 211 -2.91 -30.80 3.44
C ARG B 211 -1.48 -30.83 3.91
N VAL B 212 -1.01 -32.02 4.29
CA VAL B 212 0.37 -32.18 4.68
C VAL B 212 0.83 -33.61 4.42
N ASN B 213 2.05 -33.75 3.95
CA ASN B 213 2.67 -35.06 3.81
C ASN B 213 2.81 -35.68 5.20
N PRO B 214 2.21 -36.88 5.41
CA PRO B 214 2.24 -37.44 6.77
C PRO B 214 3.64 -37.77 7.25
N ASP B 215 4.58 -37.93 6.33
CA ASP B 215 5.95 -38.25 6.70
C ASP B 215 6.65 -37.09 7.39
N LYS B 216 6.11 -35.88 7.22
CA LYS B 216 6.65 -34.70 7.88
C LYS B 216 6.11 -34.55 9.29
N ILE B 217 5.05 -35.27 9.61
CA ILE B 217 4.46 -35.15 10.95
C ILE B 217 5.34 -35.89 11.96
N ALA B 218 5.98 -35.13 12.84
CA ALA B 218 6.95 -35.67 13.78
C ALA B 218 6.29 -36.01 15.11
N ALA B 219 5.16 -35.40 15.37
CA ALA B 219 4.46 -35.59 16.63
C ALA B 219 3.02 -35.11 16.55
N ILE B 220 2.14 -35.84 17.20
CA ILE B 220 0.76 -35.38 17.40
C ILE B 220 0.51 -35.33 18.90
N VAL B 221 0.00 -34.21 19.39
CA VAL B 221 -0.21 -34.05 20.83
C VAL B 221 -1.70 -33.86 21.11
N ARG B 222 -2.26 -34.69 21.99
CA ARG B 222 -3.65 -34.52 22.38
C ARG B 222 -3.77 -33.43 23.42
N THR B 223 -4.56 -32.41 23.13
CA THR B 223 -4.69 -31.29 24.04
C THR B 223 -6.14 -31.02 24.43
N ASN B 224 -6.29 -30.17 25.45
CA ASN B 224 -7.59 -29.81 25.97
C ASN B 224 -7.49 -28.46 26.65
N ASP B 225 -7.62 -27.38 25.89
CA ASP B 225 -7.45 -26.06 26.48
C ASP B 225 -8.16 -25.00 25.63
N ARG B 226 -8.44 -23.86 26.26
CA ARG B 226 -9.33 -22.84 25.71
C ARG B 226 -8.63 -21.75 24.91
N ASP B 227 -9.30 -21.29 23.86
CA ASP B 227 -8.93 -20.05 23.15
C ASP B 227 -9.16 -18.86 24.07
N ARG B 228 -8.65 -17.71 23.66
CA ARG B 228 -9.06 -16.44 24.28
C ARG B 228 -10.44 -16.05 23.78
N ASN B 229 -11.18 -15.28 24.57
CA ASN B 229 -12.42 -14.68 24.09
C ASN B 229 -12.32 -13.16 24.02
N ALA B 230 -13.06 -12.57 23.10
CA ALA B 230 -13.24 -11.11 23.08
C ALA B 230 -14.00 -10.68 24.33
N PRO B 231 -13.91 -9.38 24.68
CA PRO B 231 -14.73 -8.92 25.80
C PRO B 231 -16.22 -8.87 25.45
N PHE B 232 -17.07 -9.08 26.45
CA PHE B 232 -18.51 -8.91 26.26
C PHE B 232 -18.91 -7.43 26.21
N ALA B 233 -18.13 -6.60 26.89
CA ALA B 233 -18.48 -5.20 27.18
C ALA B 233 -19.04 -4.43 25.99
N ALA B 234 -20.11 -3.67 26.26
CA ALA B 234 -20.93 -3.03 25.23
C ALA B 234 -20.38 -1.69 24.80
N PRO B 235 -20.71 -1.26 23.57
CA PRO B 235 -20.29 0.07 23.11
C PRO B 235 -20.95 1.19 23.92
N ASP B 236 -20.14 2.17 24.29
CA ASP B 236 -20.65 3.33 25.03
C ASP B 236 -21.18 4.42 24.09
N GLU B 237 -21.54 5.56 24.68
CA GLU B 237 -22.11 6.69 23.94
C GLU B 237 -21.21 7.25 22.85
N THR B 238 -19.91 7.27 23.10
CA THR B 238 -18.94 7.71 22.10
C THR B 238 -18.94 6.80 20.88
N ALA B 239 -18.88 5.48 21.10
CA ALA B 239 -18.90 4.54 20.00
C ALA B 239 -20.23 4.60 19.25
N LYS B 240 -21.33 4.71 19.99
CA LYS B 240 -22.65 4.77 19.36
C LYS B 240 -22.76 6.01 18.48
N ALA B 241 -22.17 7.12 18.93
CA ALA B 241 -22.17 8.36 18.14
C ALA B 241 -21.40 8.20 16.85
N ILE B 242 -20.25 7.56 16.93
CA ILE B 242 -19.44 7.29 15.75
C ILE B 242 -20.22 6.43 14.75
N ALA B 243 -20.86 5.38 15.27
CA ALA B 243 -21.65 4.49 14.42
C ALA B 243 -22.78 5.27 13.77
N GLY B 244 -23.36 6.21 14.52
CA GLY B 244 -24.47 7.01 14.01
C GLY B 244 -24.05 7.85 12.80
N TYR B 245 -22.92 8.52 12.92
CA TYR B 245 -22.41 9.32 11.80
C TYR B 245 -22.10 8.45 10.59
N LEU B 246 -21.48 7.28 10.82
CA LEU B 246 -21.12 6.40 9.71
C LEU B 246 -22.36 5.89 8.98
N LEU B 247 -23.36 5.47 9.75
CA LEU B 247 -24.58 4.90 9.16
C LEU B 247 -25.35 5.96 8.39
N ASP B 248 -25.35 7.18 8.91
CA ASP B 248 -25.95 8.32 8.20
C ASP B 248 -25.21 8.57 6.89
N PHE B 249 -23.88 8.47 6.93
CA PHE B 249 -23.07 8.61 5.73
C PHE B 249 -23.39 7.53 4.67
N PHE B 250 -23.45 6.26 5.09
CA PHE B 250 -23.83 5.17 4.17
C PHE B 250 -25.19 5.45 3.54
N GLY B 251 -26.11 5.98 4.33
CA GLY B 251 -27.45 6.27 3.84
C GLY B 251 -27.42 7.28 2.71
N HIS B 252 -26.63 8.33 2.91
CA HIS B 252 -26.46 9.37 1.90
C HIS B 252 -25.75 8.85 0.66
N GLU B 253 -24.76 7.97 0.83
CA GLU B 253 -24.10 7.36 -0.31
C GLU B 253 -25.09 6.56 -1.14
N VAL B 254 -25.95 5.79 -0.48
CA VAL B 254 -26.96 5.00 -1.19
C VAL B 254 -27.95 5.92 -1.89
N LYS B 255 -28.36 7.00 -1.22
CA LYS B 255 -29.32 7.92 -1.82
C LYS B 255 -28.73 8.60 -3.05
N GLN B 256 -27.41 8.80 -3.06
CA GLN B 256 -26.72 9.41 -4.20
C GLN B 256 -26.27 8.40 -5.25
N ASN B 257 -26.67 7.14 -5.07
CA ASN B 257 -26.30 6.03 -5.96
C ASN B 257 -24.79 5.78 -6.03
N ARG B 258 -24.09 6.03 -4.93
CA ARG B 258 -22.66 5.78 -4.87
C ARG B 258 -22.35 4.49 -4.13
N LEU B 259 -23.42 3.88 -3.58
CA LEU B 259 -23.36 2.55 -3.01
C LEU B 259 -24.66 1.86 -3.33
N PRO B 260 -24.64 0.54 -3.50
CA PRO B 260 -25.87 -0.24 -3.66
C PRO B 260 -26.68 -0.22 -2.35
N PRO B 261 -27.98 -0.54 -2.42
CA PRO B 261 -28.78 -0.57 -1.20
C PRO B 261 -28.29 -1.59 -0.17
N SER B 262 -27.57 -2.60 -0.65
CA SER B 262 -26.97 -3.63 0.21
CA SER B 262 -26.98 -3.62 0.22
C SER B 262 -25.53 -3.28 0.58
N LEU B 263 -25.12 -2.06 0.26
CA LEU B 263 -23.74 -1.60 0.44
C LEU B 263 -22.79 -2.49 -0.38
N LEU B 264 -21.57 -2.64 0.11
CA LEU B 264 -20.56 -3.49 -0.53
C LEU B 264 -20.01 -4.42 0.53
N PRO B 265 -19.22 -5.43 0.14
CA PRO B 265 -18.65 -6.31 1.17
C PRO B 265 -17.92 -5.52 2.25
N LEU B 266 -18.19 -5.84 3.51
CA LEU B 266 -17.72 -5.03 4.62
C LEU B 266 -16.55 -5.65 5.34
N GLN B 267 -15.54 -4.83 5.62
CA GLN B 267 -14.43 -5.23 6.47
C GLN B 267 -14.43 -4.37 7.72
N SER B 268 -14.35 -5.02 8.88
CA SER B 268 -14.35 -4.31 10.15
C SER B 268 -13.22 -4.83 11.05
N GLY B 269 -12.45 -3.93 11.66
CA GLY B 269 -11.49 -4.34 12.67
C GLY B 269 -12.19 -4.86 13.93
N VAL B 270 -11.43 -5.10 15.00
CA VAL B 270 -12.04 -5.44 16.28
C VAL B 270 -12.01 -4.27 17.26
N GLY B 271 -13.08 -4.10 18.01
CA GLY B 271 -13.11 -3.12 19.09
C GLY B 271 -14.52 -2.64 19.38
N ASN B 272 -14.63 -1.76 20.36
CA ASN B 272 -15.92 -1.15 20.72
C ASN B 272 -16.59 -0.44 19.55
N VAL B 273 -15.81 0.27 18.77
CA VAL B 273 -16.35 1.04 17.66
C VAL B 273 -16.91 0.11 16.60
N ALA B 274 -16.16 -0.94 16.28
CA ALA B 274 -16.64 -1.93 15.32
C ALA B 274 -17.93 -2.58 15.82
N ASN B 275 -17.97 -2.89 17.11
CA ASN B 275 -19.17 -3.46 17.71
C ASN B 275 -20.35 -2.52 17.54
N ALA B 276 -20.12 -1.23 17.78
CA ALA B 276 -21.18 -0.25 17.64
C ALA B 276 -21.66 -0.17 16.20
N VAL B 277 -20.72 -0.20 15.26
CA VAL B 277 -21.10 -0.17 13.85
C VAL B 277 -21.92 -1.40 13.48
N LEU B 278 -21.51 -2.57 13.97
CA LEU B 278 -22.25 -3.79 13.66
C LEU B 278 -23.64 -3.80 14.30
N GLU B 279 -23.74 -3.30 15.54
CA GLU B 279 -25.04 -3.21 16.20
C GLU B 279 -25.93 -2.23 15.46
N GLY B 280 -25.32 -1.17 14.93
CA GLY B 280 -26.04 -0.20 14.13
C GLY B 280 -26.57 -0.81 12.85
N LEU B 281 -25.74 -1.62 12.19
CA LEU B 281 -26.13 -2.26 10.94
C LEU B 281 -27.19 -3.33 11.15
N LYS B 282 -27.15 -3.97 12.32
CA LYS B 282 -28.09 -5.04 12.63
C LYS B 282 -29.53 -4.55 12.60
N GLU B 283 -29.74 -3.31 13.03
CA GLU B 283 -31.08 -2.74 12.99
C GLU B 283 -31.12 -1.57 12.02
N GLY B 284 -30.24 -1.61 11.03
CA GLY B 284 -30.14 -0.58 10.02
C GLY B 284 -30.99 -0.89 8.80
N PRO B 285 -31.04 0.04 7.85
CA PRO B 285 -31.91 -0.05 6.68
C PRO B 285 -31.25 -0.75 5.49
N PHE B 286 -30.03 -1.22 5.67
CA PHE B 286 -29.32 -1.90 4.60
C PHE B 286 -29.45 -3.41 4.77
N GLU B 287 -30.10 -4.05 3.81
CA GLU B 287 -30.38 -5.48 3.89
C GLU B 287 -29.46 -6.29 2.96
N ASN B 288 -29.45 -7.61 3.15
CA ASN B 288 -28.60 -8.50 2.37
C ASN B 288 -27.12 -8.13 2.43
N LEU B 289 -26.64 -7.73 3.59
CA LEU B 289 -25.23 -7.37 3.74
C LEU B 289 -24.30 -8.56 3.58
N VAL B 290 -23.08 -8.26 3.21
CA VAL B 290 -22.08 -9.27 3.00
C VAL B 290 -20.81 -8.84 3.73
N GLY B 291 -20.18 -9.76 4.46
CA GLY B 291 -18.90 -9.46 5.09
C GLY B 291 -17.74 -10.10 4.36
N TYR B 292 -16.70 -9.32 4.08
CA TYR B 292 -15.46 -9.89 3.56
C TYR B 292 -14.35 -9.25 4.38
N SER B 293 -13.96 -9.95 5.44
CA SER B 293 -13.17 -9.37 6.49
C SER B 293 -12.04 -10.30 6.93
N GLU B 294 -11.33 -9.91 7.97
CA GLU B 294 -10.34 -10.79 8.59
C GLU B 294 -10.98 -11.66 9.64
N VAL B 295 -12.03 -11.12 10.27
CA VAL B 295 -12.55 -11.73 11.47
CA VAL B 295 -12.57 -11.71 11.49
C VAL B 295 -14.09 -11.77 11.54
N ILE B 296 -14.61 -12.79 12.21
CA ILE B 296 -16.02 -12.88 12.58
C ILE B 296 -16.16 -12.43 14.04
N GLN B 297 -16.91 -11.36 14.29
CA GLN B 297 -17.10 -10.93 15.67
C GLN B 297 -18.57 -11.03 16.10
N ASP B 298 -18.83 -10.69 17.36
CA ASP B 298 -20.15 -10.88 17.96
C ASP B 298 -21.30 -10.36 17.09
N GLY B 299 -21.14 -9.12 16.63
CA GLY B 299 -22.19 -8.43 15.89
C GLY B 299 -22.61 -9.14 14.62
N MET B 300 -21.66 -9.82 13.99
CA MET B 300 -21.93 -10.54 12.76
C MET B 300 -22.88 -11.70 12.99
N LEU B 301 -22.69 -12.45 14.07
CA LEU B 301 -23.55 -13.57 14.40
C LEU B 301 -25.00 -13.13 14.51
N ALA B 302 -25.20 -11.99 15.16
CA ALA B 302 -26.53 -11.41 15.30
C ALA B 302 -27.18 -11.20 13.94
N MET B 303 -26.42 -10.59 13.03
CA MET B 303 -26.93 -10.27 11.69
C MET B 303 -27.09 -11.50 10.82
N LEU B 304 -26.15 -12.43 10.89
CA LEU B 304 -26.28 -13.70 10.18
C LEU B 304 -27.51 -14.45 10.70
N ASP B 305 -27.85 -14.21 11.95
CA ASP B 305 -29.04 -14.81 12.56
C ASP B 305 -30.30 -14.10 12.08
N SER B 306 -30.31 -12.78 12.20
CA SER B 306 -31.47 -11.97 11.82
C SER B 306 -31.67 -11.92 10.31
N GLY B 307 -30.69 -12.37 9.55
CA GLY B 307 -30.79 -12.41 8.10
C GLY B 307 -30.39 -11.10 7.44
N ARG B 308 -30.15 -10.08 8.27
CA ARG B 308 -29.71 -8.76 7.80
C ARG B 308 -28.36 -8.90 7.08
N MET B 309 -27.53 -9.86 7.50
CA MET B 309 -26.31 -10.22 6.77
C MET B 309 -26.44 -11.64 6.24
N ARG B 310 -26.09 -11.84 4.97
CA ARG B 310 -26.32 -13.11 4.30
C ARG B 310 -25.14 -14.08 4.46
N ILE B 311 -23.92 -13.56 4.38
CA ILE B 311 -22.75 -14.39 4.44
C ILE B 311 -21.61 -13.58 5.05
N ALA B 312 -20.70 -14.25 5.75
CA ALA B 312 -19.51 -13.56 6.22
C ALA B 312 -18.25 -14.39 5.96
N SER B 313 -17.30 -13.77 5.25
CA SER B 313 -16.01 -14.40 4.98
C SER B 313 -14.95 -13.78 5.89
N ALA B 314 -14.07 -14.62 6.43
CA ALA B 314 -13.04 -14.16 7.36
C ALA B 314 -11.93 -15.21 7.42
N SER B 315 -10.89 -14.96 8.21
CA SER B 315 -9.90 -16.00 8.47
C SER B 315 -10.03 -16.57 9.89
N SER B 316 -10.76 -15.87 10.77
CA SER B 316 -10.78 -16.23 12.19
CA SER B 316 -10.81 -16.27 12.17
C SER B 316 -12.07 -15.82 12.90
N PHE B 317 -12.26 -16.33 14.12
CA PHE B 317 -13.29 -15.88 15.06
C PHE B 317 -12.70 -14.95 16.10
N SER B 318 -13.45 -13.92 16.49
CA SER B 318 -13.14 -13.13 17.67
C SER B 318 -14.46 -12.91 18.40
N LEU B 319 -14.81 -13.87 19.25
CA LEU B 319 -16.11 -13.92 19.89
C LEU B 319 -16.03 -13.82 21.40
N SER B 320 -17.00 -13.13 21.98
CA SER B 320 -17.16 -13.11 23.43
C SER B 320 -17.58 -14.50 23.92
N PRO B 321 -17.47 -14.77 25.24
CA PRO B 321 -17.93 -16.07 25.76
C PRO B 321 -19.39 -16.34 25.43
N GLU B 322 -20.20 -15.29 25.49
CA GLU B 322 -21.62 -15.40 25.20
C GLU B 322 -21.83 -15.74 23.72
N ALA B 323 -21.12 -15.05 22.85
CA ALA B 323 -21.24 -15.29 21.42
C ALA B 323 -20.67 -16.67 21.04
N ALA B 324 -19.59 -17.07 21.70
CA ALA B 324 -19.00 -18.38 21.45
C ALA B 324 -19.98 -19.49 21.80
N GLU B 325 -20.69 -19.34 22.91
CA GLU B 325 -21.68 -20.33 23.32
C GLU B 325 -22.79 -20.43 22.28
N GLU B 326 -23.24 -19.29 21.77
CA GLU B 326 -24.30 -19.30 20.79
C GLU B 326 -23.88 -20.00 19.51
N ILE B 327 -22.69 -19.69 19.00
CA ILE B 327 -22.27 -20.29 17.74
C ILE B 327 -22.03 -21.80 17.91
N ASN B 328 -21.55 -22.20 19.08
CA ASN B 328 -21.25 -23.61 19.30
C ASN B 328 -22.52 -24.43 19.52
N ASN B 329 -23.57 -23.77 20.02
CA ASN B 329 -24.88 -24.39 20.15
C ASN B 329 -25.56 -24.57 18.80
N ARG B 330 -25.24 -23.69 17.86
CA ARG B 330 -25.92 -23.63 16.58
C ARG B 330 -24.94 -23.67 15.41
N MET B 331 -23.90 -24.49 15.52
CA MET B 331 -22.85 -24.53 14.51
C MET B 331 -23.41 -25.03 13.19
N ASP B 332 -24.41 -25.91 13.26
CA ASP B 332 -25.15 -26.40 12.10
C ASP B 332 -25.58 -25.25 11.18
N PHE B 333 -26.22 -24.26 11.79
CA PHE B 333 -26.75 -23.10 11.09
C PHE B 333 -25.64 -22.14 10.65
N PHE B 334 -24.78 -21.77 11.59
CA PHE B 334 -23.77 -20.76 11.30
C PHE B 334 -22.71 -21.24 10.31
N ARG B 335 -22.46 -22.54 10.26
CA ARG B 335 -21.47 -23.09 9.34
C ARG B 335 -21.85 -22.81 7.87
N SER B 336 -23.15 -22.70 7.61
CA SER B 336 -23.63 -22.43 6.27
C SER B 336 -23.62 -20.94 5.93
N LYS B 337 -23.23 -20.12 6.92
CA LYS B 337 -23.27 -18.67 6.73
C LYS B 337 -21.88 -18.06 6.79
N ILE B 338 -20.90 -18.88 7.14
CA ILE B 338 -19.55 -18.40 7.37
C ILE B 338 -18.53 -19.21 6.57
N ILE B 339 -17.56 -18.50 6.00
CA ILE B 339 -16.44 -19.14 5.32
C ILE B 339 -15.15 -18.66 5.97
N LEU B 340 -14.35 -19.58 6.49
CA LEU B 340 -13.04 -19.23 7.00
C LEU B 340 -11.96 -19.58 5.98
N ARG B 341 -11.23 -18.55 5.54
CA ARG B 341 -10.25 -18.66 4.46
C ARG B 341 -8.83 -18.47 4.97
N GLN B 342 -7.84 -18.92 4.19
CA GLN B 342 -6.44 -18.56 4.40
C GLN B 342 -6.33 -17.04 4.49
N GLN B 343 -5.42 -16.53 5.33
CA GLN B 343 -5.36 -15.10 5.49
C GLN B 343 -4.75 -14.42 4.26
N ASP B 344 -3.98 -15.16 3.46
CA ASP B 344 -3.46 -14.54 2.25
C ASP B 344 -4.56 -14.45 1.17
N VAL B 345 -5.71 -15.06 1.43
CA VAL B 345 -6.88 -14.90 0.56
C VAL B 345 -7.87 -13.88 1.13
N SER B 346 -8.16 -13.97 2.44
CA SER B 346 -9.02 -12.97 3.07
C SER B 346 -8.44 -11.57 2.92
N ASN B 347 -7.11 -11.48 2.93
CA ASN B 347 -6.42 -10.19 2.88
C ASN B 347 -5.70 -9.95 1.55
N SER B 348 -6.15 -10.61 0.49
CA SER B 348 -5.60 -10.44 -0.85
C SER B 348 -6.00 -9.09 -1.44
N PRO B 349 -5.03 -8.22 -1.72
CA PRO B 349 -5.44 -6.91 -2.26
C PRO B 349 -6.17 -7.01 -3.61
N GLY B 350 -5.80 -8.00 -4.41
CA GLY B 350 -6.49 -8.22 -5.67
C GLY B 350 -7.96 -8.52 -5.45
N ILE B 351 -8.27 -9.40 -4.51
CA ILE B 351 -9.65 -9.77 -4.24
CA ILE B 351 -9.65 -9.77 -4.24
C ILE B 351 -10.41 -8.61 -3.60
N ILE B 352 -9.77 -7.94 -2.65
CA ILE B 352 -10.42 -6.84 -1.93
C ILE B 352 -10.85 -5.74 -2.91
N ARG B 353 -9.97 -5.39 -3.83
CA ARG B 353 -10.33 -4.38 -4.83
C ARG B 353 -11.41 -4.88 -5.79
N ARG B 354 -11.27 -6.14 -6.23
CA ARG B 354 -12.23 -6.72 -7.17
C ARG B 354 -13.65 -6.69 -6.60
N LEU B 355 -13.78 -7.08 -5.34
CA LEU B 355 -15.09 -7.11 -4.65
C LEU B 355 -15.58 -5.72 -4.26
N GLY B 356 -14.66 -4.75 -4.23
CA GLY B 356 -15.00 -3.38 -3.85
C GLY B 356 -15.32 -3.23 -2.37
N CYS B 357 -14.47 -3.79 -1.52
CA CYS B 357 -14.75 -3.76 -0.09
C CYS B 357 -14.80 -2.37 0.50
N ILE B 358 -15.63 -2.21 1.54
CA ILE B 358 -15.61 -1.01 2.36
C ILE B 358 -14.78 -1.33 3.58
N ALA B 359 -13.69 -0.59 3.76
CA ALA B 359 -12.76 -0.83 4.85
C ALA B 359 -13.08 0.11 5.99
N MET B 360 -13.18 -0.44 7.20
CA MET B 360 -13.45 0.34 8.41
C MET B 360 -12.43 -0.05 9.46
N ASN B 361 -11.54 0.87 9.79
CA ASN B 361 -10.46 0.53 10.69
C ASN B 361 -10.29 1.54 11.78
N GLY B 362 -9.68 1.10 12.88
CA GLY B 362 -9.39 2.01 13.98
C GLY B 362 -8.08 2.73 13.76
N MET B 363 -7.69 3.51 14.75
CA MET B 363 -6.41 4.21 14.70
C MET B 363 -6.01 4.69 16.07
N ILE B 364 -4.69 4.85 16.24
CA ILE B 364 -4.19 5.52 17.43
C ILE B 364 -4.42 7.02 17.29
N GLU B 365 -4.00 7.55 16.14
CA GLU B 365 -4.11 8.99 15.89
C GLU B 365 -4.03 9.24 14.39
N ALA B 366 -4.48 10.43 13.99
CA ALA B 366 -4.27 10.91 12.64
C ALA B 366 -3.77 12.33 12.73
N ASP B 367 -2.95 12.76 11.78
CA ASP B 367 -2.63 14.18 11.80
C ASP B 367 -3.64 14.99 11.01
N ILE B 368 -3.44 16.31 11.00
CA ILE B 368 -4.46 17.17 10.40
C ILE B 368 -4.60 16.93 8.90
N TYR B 369 -3.60 16.33 8.27
CA TYR B 369 -3.69 16.02 6.84
C TYR B 369 -4.25 14.64 6.60
N GLY B 370 -4.56 13.91 7.67
CA GLY B 370 -5.20 12.62 7.50
C GLY B 370 -4.24 11.49 7.18
N ASN B 371 -2.99 11.61 7.61
CA ASN B 371 -2.10 10.44 7.69
C ASN B 371 -2.42 9.74 9.00
N VAL B 372 -2.36 8.41 9.01
CA VAL B 372 -2.85 7.63 10.15
C VAL B 372 -1.76 6.80 10.81
N ASN B 373 -1.71 6.88 12.13
CA ASN B 373 -0.85 6.00 12.96
C ASN B 373 -1.73 4.91 13.55
N SER B 374 -1.46 3.64 13.22
CA SER B 374 -2.24 2.53 13.78
C SER B 374 -1.50 1.75 14.85
N THR B 375 -0.25 2.13 15.13
CA THR B 375 0.64 1.17 15.79
C THR B 375 1.53 1.68 16.92
N ARG B 376 2.09 2.88 16.78
CA ARG B 376 3.23 3.24 17.64
C ARG B 376 3.00 4.50 18.45
N VAL B 377 2.72 4.30 19.73
CA VAL B 377 2.41 5.41 20.62
C VAL B 377 3.66 6.26 20.81
N MET B 378 3.48 7.57 20.66
CA MET B 378 4.56 8.56 20.65
C MET B 378 5.58 8.27 19.57
N GLY B 379 5.21 7.41 18.62
CA GLY B 379 6.09 7.02 17.54
C GLY B 379 7.03 5.84 17.79
N SER B 380 7.11 5.35 19.02
CA SER B 380 8.15 4.40 19.37
C SER B 380 7.69 3.19 20.17
N LYS B 381 6.49 3.26 20.74
CA LYS B 381 6.01 2.20 21.60
C LYS B 381 4.92 1.39 20.90
N MET B 382 5.21 0.13 20.62
CA MET B 382 4.29 -0.67 19.84
C MET B 382 3.04 -0.96 20.66
N MET B 383 1.88 -0.82 20.02
CA MET B 383 0.63 -1.30 20.57
C MET B 383 0.41 -2.75 20.10
N ASN B 384 -0.28 -2.93 18.97
CA ASN B 384 -0.44 -4.29 18.46
C ASN B 384 0.30 -4.53 17.17
N GLY B 385 -0.01 -3.75 16.14
CA GLY B 385 0.64 -3.90 14.84
C GLY B 385 -0.30 -3.44 13.73
N ILE B 386 0.22 -3.34 12.50
CA ILE B 386 -0.61 -2.80 11.42
C ILE B 386 -1.71 -3.79 11.04
N GLY B 387 -1.44 -5.08 11.23
CA GLY B 387 -2.43 -6.09 10.94
C GLY B 387 -2.82 -6.07 9.48
N GLY B 388 -4.12 -6.19 9.23
CA GLY B 388 -4.64 -6.16 7.88
C GLY B 388 -5.14 -4.78 7.46
N SER B 389 -4.86 -3.77 8.27
CA SER B 389 -5.46 -2.45 8.00
C SER B 389 -4.90 -1.84 6.72
N GLY B 390 -3.64 -2.12 6.41
CA GLY B 390 -3.07 -1.63 5.17
C GLY B 390 -3.56 -2.41 3.96
N ASP B 391 -3.63 -3.74 4.08
CA ASP B 391 -4.20 -4.59 3.03
C ASP B 391 -5.52 -4.00 2.59
N PHE B 392 -6.38 -3.74 3.56
CA PHE B 392 -7.71 -3.26 3.26
C PHE B 392 -7.78 -1.76 2.93
N ALA B 393 -7.09 -0.91 3.68
CA ALA B 393 -7.21 0.54 3.42
C ALA B 393 -6.79 0.88 1.99
N ARG B 394 -5.67 0.33 1.53
CA ARG B 394 -5.21 0.71 0.19
C ARG B 394 -6.04 0.09 -0.93
N SER B 395 -6.59 -1.11 -0.72
CA SER B 395 -7.26 -1.85 -1.79
CA SER B 395 -7.24 -1.78 -1.85
C SER B 395 -8.75 -1.59 -1.87
N SER B 396 -9.30 -1.05 -0.79
CA SER B 396 -10.74 -0.87 -0.65
C SER B 396 -11.35 0.12 -1.62
N TYR B 397 -12.64 -0.03 -1.83
CA TYR B 397 -13.43 0.94 -2.59
C TYR B 397 -13.56 2.24 -1.83
N LEU B 398 -13.69 2.12 -0.51
CA LEU B 398 -13.77 3.26 0.40
CA LEU B 398 -13.78 3.26 0.39
C LEU B 398 -13.01 2.91 1.65
N SER B 399 -12.09 3.79 2.05
CA SER B 399 -11.28 3.56 3.24
C SER B 399 -11.68 4.54 4.34
N ILE B 400 -12.22 3.99 5.43
CA ILE B 400 -12.76 4.77 6.54
C ILE B 400 -11.98 4.49 7.81
N PHE B 401 -11.66 5.55 8.56
CA PHE B 401 -10.98 5.40 9.84
C PHE B 401 -11.84 5.99 10.94
N LEU B 402 -11.97 5.26 12.05
CA LEU B 402 -12.90 5.60 13.12
C LEU B 402 -12.25 5.56 14.49
N SER B 403 -12.51 6.57 15.30
CA SER B 403 -11.88 6.65 16.62
C SER B 403 -12.56 7.66 17.51
N PRO B 404 -12.56 7.42 18.83
CA PRO B 404 -12.85 8.54 19.73
C PRO B 404 -11.87 9.68 19.48
N SER B 405 -12.31 10.92 19.64
CA SER B 405 -11.46 12.07 19.32
C SER B 405 -10.38 12.31 20.38
N THR B 406 -10.54 11.69 21.55
CA THR B 406 -9.54 11.79 22.62
C THR B 406 -9.35 10.47 23.33
N ALA B 407 -8.29 10.40 24.13
CA ALA B 407 -7.95 9.21 24.91
C ALA B 407 -7.41 9.66 26.26
N LYS B 408 -7.29 8.72 27.19
CA LYS B 408 -6.73 8.99 28.50
CA LYS B 408 -6.73 8.99 28.50
C LYS B 408 -7.43 10.16 29.19
N GLY B 409 -8.75 10.09 29.27
CA GLY B 409 -9.53 11.11 29.94
C GLY B 409 -9.29 12.51 29.42
N GLY B 410 -9.10 12.62 28.10
CA GLY B 410 -8.94 13.90 27.46
C GLY B 410 -7.52 14.43 27.36
N LYS B 411 -6.57 13.66 27.89
CA LYS B 411 -5.18 14.12 27.98
C LYS B 411 -4.41 13.82 26.70
N ILE B 412 -4.99 13.02 25.82
CA ILE B 412 -4.41 12.80 24.50
C ILE B 412 -5.44 13.17 23.44
N SER B 413 -5.01 13.91 22.42
CA SER B 413 -5.85 14.17 21.25
C SER B 413 -5.62 13.13 20.16
N ALA B 414 -6.68 12.58 19.58
CA ALA B 414 -6.51 11.61 18.49
C ALA B 414 -6.22 12.32 17.17
N ILE B 415 -6.42 13.64 17.13
CA ILE B 415 -6.00 14.44 15.97
C ILE B 415 -4.84 15.34 16.38
N VAL B 416 -3.71 15.21 15.70
CA VAL B 416 -2.47 15.91 16.11
C VAL B 416 -1.87 16.70 14.93
N PRO B 417 -0.93 17.62 15.20
CA PRO B 417 -0.36 18.36 14.08
C PRO B 417 0.32 17.45 13.05
N MET B 418 1.11 16.52 13.57
CA MET B 418 1.83 15.53 12.78
C MET B 418 1.78 14.21 13.51
N ALA B 419 1.47 13.13 12.79
CA ALA B 419 1.46 11.80 13.40
C ALA B 419 2.91 11.45 13.79
N ALA B 420 3.09 10.82 14.95
CA ALA B 420 4.45 10.49 15.38
C ALA B 420 5.02 9.29 14.62
N HIS B 421 4.12 8.53 13.99
CA HIS B 421 4.49 7.42 13.14
C HIS B 421 3.39 7.27 12.10
N VAL B 422 3.71 6.91 10.87
CA VAL B 422 2.68 6.75 9.84
C VAL B 422 2.52 5.30 9.38
N ASP B 423 1.29 4.81 9.43
CA ASP B 423 0.98 3.50 8.83
C ASP B 423 0.17 3.65 7.55
N HIS B 424 -0.73 4.63 7.50
CA HIS B 424 -1.56 4.85 6.32
C HIS B 424 -1.41 6.28 5.84
N ILE B 425 -0.90 6.43 4.63
CA ILE B 425 -0.68 7.73 4.02
C ILE B 425 -2.01 8.35 3.58
N MET B 426 -2.01 9.66 3.31
CA MET B 426 -3.24 10.39 2.94
C MET B 426 -4.02 9.68 1.84
N GLN B 427 -3.29 9.14 0.88
CA GLN B 427 -3.88 8.49 -0.28
C GLN B 427 -4.70 7.27 0.08
N ASP B 428 -4.50 6.76 1.31
CA ASP B 428 -5.14 5.52 1.73
C ASP B 428 -6.25 5.77 2.73
N ALA B 429 -6.63 7.04 2.93
CA ALA B 429 -7.68 7.34 3.91
C ALA B 429 -8.63 8.42 3.35
N GLN B 430 -9.89 8.05 3.14
CA GLN B 430 -10.84 9.00 2.56
C GLN B 430 -11.83 9.57 3.54
N ILE B 431 -12.19 8.80 4.57
CA ILE B 431 -13.24 9.20 5.50
C ILE B 431 -12.74 9.02 6.93
N PHE B 432 -12.93 10.03 7.76
CA PHE B 432 -12.61 9.94 9.20
C PHE B 432 -13.88 10.17 9.99
N VAL B 433 -14.08 9.37 11.03
CA VAL B 433 -15.25 9.54 11.91
C VAL B 433 -14.81 9.56 13.36
N THR B 434 -15.19 10.61 14.09
CA THR B 434 -15.08 10.58 15.56
C THR B 434 -16.45 10.89 16.14
N GLU B 435 -16.55 10.95 17.47
CA GLU B 435 -17.85 11.28 18.07
C GLU B 435 -18.22 12.75 17.84
N GLN B 436 -17.29 13.52 17.28
CA GLN B 436 -17.55 14.93 16.96
C GLN B 436 -18.14 15.12 15.58
N GLY B 437 -17.99 14.11 14.72
CA GLY B 437 -18.47 14.25 13.36
C GLY B 437 -17.66 13.47 12.37
N LEU B 438 -18.00 13.64 11.09
CA LEU B 438 -17.43 12.86 10.01
C LEU B 438 -16.81 13.80 8.97
N ALA B 439 -15.56 13.51 8.60
CA ALA B 439 -14.87 14.27 7.56
C ALA B 439 -14.75 13.46 6.27
N ASP B 440 -15.38 13.97 5.21
CA ASP B 440 -15.30 13.35 3.89
C ASP B 440 -14.23 14.07 3.09
N LEU B 441 -13.11 13.39 2.85
CA LEU B 441 -11.95 14.04 2.25
C LEU B 441 -11.82 13.83 0.76
N ARG B 442 -12.82 13.22 0.12
CA ARG B 442 -12.70 12.89 -1.28
C ARG B 442 -12.58 14.13 -2.16
N GLY B 443 -11.60 14.10 -3.06
CA GLY B 443 -11.38 15.21 -3.97
C GLY B 443 -10.50 16.34 -3.45
N LEU B 444 -10.07 16.25 -2.19
CA LEU B 444 -9.44 17.39 -1.51
C LEU B 444 -7.93 17.35 -1.47
N SER B 445 -7.32 18.54 -1.57
CA SER B 445 -5.87 18.70 -1.39
C SER B 445 -5.54 18.60 0.11
N PRO B 446 -4.24 18.48 0.45
CA PRO B 446 -3.94 18.41 1.89
C PRO B 446 -4.46 19.59 2.73
N VAL B 447 -4.35 20.83 2.27
CA VAL B 447 -4.85 21.91 3.12
C VAL B 447 -6.37 21.83 3.22
N GLN B 448 -7.03 21.31 2.18
CA GLN B 448 -8.47 21.16 2.25
C GLN B 448 -8.86 20.03 3.19
N ARG B 449 -8.05 18.97 3.20
CA ARG B 449 -8.25 17.86 4.15
C ARG B 449 -8.17 18.37 5.58
N ALA B 450 -7.18 19.22 5.85
CA ALA B 450 -6.97 19.73 7.20
C ALA B 450 -8.16 20.54 7.66
N ARG B 451 -8.72 21.37 6.79
CA ARG B 451 -9.89 22.14 7.20
C ARG B 451 -11.03 21.21 7.66
N GLU B 452 -11.24 20.12 6.93
CA GLU B 452 -12.32 19.19 7.25
C GLU B 452 -12.03 18.38 8.52
N ILE B 453 -10.82 17.87 8.64
CA ILE B 453 -10.48 17.05 9.79
C ILE B 453 -10.56 17.88 11.07
N ILE B 454 -9.98 19.08 11.04
CA ILE B 454 -10.00 19.93 12.23
C ILE B 454 -11.42 20.31 12.62
N SER B 455 -12.22 20.76 11.66
CA SER B 455 -13.54 21.26 12.00
C SER B 455 -14.57 20.17 12.28
N LYS B 456 -14.41 19.00 11.67
CA LYS B 456 -15.42 17.94 11.84
C LYS B 456 -15.06 16.94 12.92
N CYS B 457 -13.78 16.61 13.06
CA CYS B 457 -13.39 15.45 13.85
C CYS B 457 -12.71 15.76 15.17
N ALA B 458 -12.00 16.89 15.24
CA ALA B 458 -11.22 17.12 16.46
C ALA B 458 -12.10 17.49 17.64
N HIS B 459 -11.66 17.13 18.84
CA HIS B 459 -12.36 17.49 20.06
C HIS B 459 -12.34 19.00 20.25
N PRO B 460 -13.43 19.59 20.75
CA PRO B 460 -13.40 21.04 21.05
C PRO B 460 -12.24 21.52 21.92
N ASP B 461 -11.73 20.71 22.84
CA ASP B 461 -10.59 21.12 23.68
C ASP B 461 -9.32 21.31 22.86
N TYR B 462 -9.22 20.63 21.72
CA TYR B 462 -8.00 20.66 20.93
C TYR B 462 -8.14 21.38 19.60
N ARG B 463 -9.38 21.58 19.15
CA ARG B 463 -9.59 22.17 17.84
C ARG B 463 -8.92 23.56 17.66
N PRO B 464 -9.06 24.47 18.65
CA PRO B 464 -8.39 25.77 18.48
C PRO B 464 -6.86 25.64 18.41
N MET B 465 -6.28 24.72 19.17
CA MET B 465 -4.84 24.49 19.11
CA MET B 465 -4.83 24.53 19.09
C MET B 465 -4.43 23.97 17.74
N LEU B 466 -5.23 23.04 17.19
CA LEU B 466 -4.92 22.51 15.86
C LEU B 466 -5.04 23.60 14.78
N GLN B 467 -6.10 24.40 14.86
CA GLN B 467 -6.29 25.50 13.91
C GLN B 467 -5.15 26.51 13.99
N ASP B 468 -4.69 26.79 15.21
CA ASP B 468 -3.60 27.73 15.42
C ASP B 468 -2.31 27.19 14.77
N TYR B 469 -2.03 25.91 15.00
CA TYR B 469 -0.89 25.28 14.34
C TYR B 469 -1.02 25.40 12.82
N PHE B 470 -2.16 24.99 12.29
CA PHE B 470 -2.34 25.04 10.85
C PHE B 470 -2.23 26.45 10.28
N ASP B 471 -2.87 27.42 10.94
CA ASP B 471 -2.82 28.80 10.43
C ASP B 471 -1.39 29.35 10.44
N ARG B 472 -0.62 29.07 11.48
CA ARG B 472 0.74 29.58 11.52
C ARG B 472 1.65 28.81 10.57
N ALA B 473 1.38 27.52 10.38
CA ALA B 473 2.13 26.74 9.39
C ALA B 473 1.90 27.31 7.99
N LEU B 474 0.66 27.64 7.65
CA LEU B 474 0.39 28.21 6.33
CA LEU B 474 0.37 28.22 6.35
C LEU B 474 1.22 29.48 6.11
N LYS B 475 1.45 30.25 7.17
CA LYS B 475 2.22 31.50 7.05
C LYS B 475 3.72 31.30 6.99
N ASN B 476 4.23 30.31 7.71
CA ASN B 476 5.67 30.20 7.94
C ASN B 476 6.33 28.90 7.47
N SER B 477 5.55 27.95 6.95
CA SER B 477 6.12 26.68 6.50
C SER B 477 7.07 26.86 5.31
N PHE B 478 8.07 25.98 5.23
CA PHE B 478 9.01 25.92 4.11
C PHE B 478 8.28 25.86 2.76
N GLY B 479 7.34 24.92 2.62
CA GLY B 479 6.44 24.88 1.48
C GLY B 479 5.00 25.02 1.93
N LYS B 480 4.10 25.42 1.03
CA LYS B 480 2.70 25.59 1.40
C LYS B 480 1.76 24.49 0.91
N HIS B 481 2.30 23.45 0.27
CA HIS B 481 1.45 22.35 -0.18
C HIS B 481 0.98 21.48 0.98
N THR B 482 1.89 21.18 1.90
CA THR B 482 1.52 20.49 3.13
C THR B 482 2.18 21.20 4.30
N PRO B 483 1.62 22.35 4.72
CA PRO B 483 2.29 23.25 5.67
C PRO B 483 2.58 22.59 7.02
N HIS B 484 3.82 22.76 7.47
CA HIS B 484 4.21 22.33 8.81
C HIS B 484 5.16 23.33 9.46
N LEU B 485 5.17 23.31 10.79
CA LEU B 485 6.17 24.01 11.58
C LEU B 485 7.01 22.93 12.26
N LEU B 486 8.20 22.68 11.73
CA LEU B 486 8.94 21.48 12.16
C LEU B 486 9.37 21.61 13.61
N THR B 487 9.49 22.84 14.10
CA THR B 487 9.88 23.03 15.49
C THR B 487 8.78 22.61 16.45
N GLU B 488 7.52 22.57 16.01
CA GLU B 488 6.50 22.16 16.96
C GLU B 488 5.62 21.01 16.47
N ALA B 489 5.93 20.46 15.29
CA ALA B 489 5.11 19.38 14.72
C ALA B 489 4.91 18.21 15.69
N LEU B 490 5.97 17.81 16.39
CA LEU B 490 5.90 16.67 17.31
C LEU B 490 5.81 17.13 18.77
N SER B 491 5.58 18.42 19.00
CA SER B 491 5.63 18.98 20.36
C SER B 491 4.47 18.56 21.26
N TRP B 492 3.33 18.17 20.69
CA TRP B 492 2.24 17.72 21.55
C TRP B 492 2.58 16.36 22.16
N HIS B 493 3.22 15.53 21.37
CA HIS B 493 3.70 14.25 21.84
C HIS B 493 4.76 14.44 22.91
N GLN B 494 5.71 15.32 22.66
CA GLN B 494 6.73 15.54 23.68
C GLN B 494 6.11 16.12 24.93
N ARG B 495 5.07 16.95 24.78
CA ARG B 495 4.41 17.54 25.93
C ARG B 495 3.75 16.44 26.76
N PHE B 496 3.16 15.44 26.09
CA PHE B 496 2.60 14.32 26.81
C PHE B 496 3.66 13.54 27.57
N ILE B 497 4.79 13.29 26.91
CA ILE B 497 5.89 12.58 27.54
C ILE B 497 6.39 13.34 28.78
N ASP B 498 6.50 14.66 28.66
CA ASP B 498 7.04 15.51 29.74
C ASP B 498 6.06 15.76 30.90
N THR B 499 4.77 15.85 30.60
CA THR B 499 3.82 16.38 31.58
C THR B 499 2.61 15.49 31.80
N GLY B 500 2.44 14.48 30.95
CA GLY B 500 1.32 13.56 31.08
C GLY B 500 0.06 14.01 30.37
N THR B 501 0.13 15.13 29.65
CA THR B 501 -1.03 15.62 28.92
C THR B 501 -0.62 16.45 27.72
N MET B 502 -1.45 16.42 26.67
CA MET B 502 -1.20 17.26 25.51
C MET B 502 -1.76 18.66 25.68
N LEU B 503 -2.51 18.89 26.75
CA LEU B 503 -3.02 20.21 27.03
C LEU B 503 -1.95 21.07 27.73
N PRO B 504 -1.72 22.29 27.23
CA PRO B 504 -0.80 23.24 27.88
C PRO B 504 -1.22 23.52 29.32
N SER B 505 -0.27 23.96 30.13
CA SER B 505 -0.53 24.31 31.51
C SER B 505 -1.62 25.38 31.64
#